data_3AOV
#
_entry.id   3AOV
#
_cell.length_a   85.927
_cell.length_b   71.055
_cell.length_c   136.348
_cell.angle_alpha   90.00
_cell.angle_beta   89.99
_cell.angle_gamma   90.00
#
_symmetry.space_group_name_H-M   'C 1 2 1'
#
loop_
_entity.id
_entity.type
_entity.pdbx_description
1 polymer 'Putative uncharacterized protein PH0207'
2 non-polymer "PYRIDOXAL-5'-PHOSPHATE"
3 water water
#
_entity_poly.entity_id   1
_entity_poly.type   'polypeptide(L)'
_entity_poly.pdbx_seq_one_letter_code
;MGSSHHHHHHSSGLVPRGSHMHEDVQLNIYVHSQEGIGMEENIKSMLGDVERFFSKKALEMRASEVRELLKLVETSDIIS
LAGGLPNPKTFPKEIIRDILVEIMEKYADKALQYGTTKGFTPLRETLMKWLGKRYGISQDNDIMITSGSQQALDLIGRVF
LNPGDIVVVEAPTYLAALQAFNFYEPQYIQIPLDDEGMKVEILEEKLKELKSQGKKVKVVYTVPTFQNPAGVTMNEDRRK
YLLELASEYDFIVVEDDPYGELRYSGNPEKKIKALDNEGRVIYLGTFSKILAPGFRIGWMVGDPGIIRKMEIAKQSTDLC
TNVFGQVVAWRYVDGGYLEKHIPEIRKFYKPRRDAMLEALEEFMPEGVKWTKPEGGMFIWVTLPDGIDSKKMLERAIKKG
VAYVPGEAFYAHRDVKNTMRLNFTYVDEDKIMEGIKRLAETIKEELKA
;
_entity_poly.pdbx_strand_id   A,C
#
# COMPACT_ATOMS: atom_id res chain seq x y z
N SER A 45 14.27 20.29 -11.07
CA SER A 45 15.01 19.07 -10.61
C SER A 45 16.54 19.29 -10.55
N MET A 46 17.14 18.90 -9.42
CA MET A 46 18.60 19.09 -9.17
C MET A 46 19.51 18.18 -10.03
N LEU A 47 18.97 17.06 -10.48
CA LEU A 47 19.74 16.05 -11.23
C LEU A 47 19.81 16.26 -12.74
N GLY A 48 19.25 17.38 -13.19
CA GLY A 48 19.10 17.65 -14.61
C GLY A 48 17.94 16.89 -15.24
N ASP A 49 18.26 16.14 -16.30
CA ASP A 49 17.26 15.29 -16.93
C ASP A 49 17.02 14.05 -16.03
N VAL A 50 16.16 14.19 -15.02
CA VAL A 50 15.93 13.08 -14.06
C VAL A 50 15.30 11.86 -14.77
N GLU A 51 14.62 12.15 -15.88
CA GLU A 51 14.05 11.10 -16.72
C GLU A 51 15.03 10.00 -17.14
N ARG A 52 16.36 10.30 -17.09
CA ARG A 52 17.34 9.36 -17.60
C ARG A 52 17.30 8.18 -16.67
N PHE A 53 16.76 8.39 -15.47
CA PHE A 53 16.77 7.24 -14.50
C PHE A 53 15.46 6.49 -14.49
N PHE A 54 14.41 7.03 -15.09
CA PHE A 54 13.07 6.42 -14.90
C PHE A 54 12.83 5.18 -15.72
N SER A 55 12.05 4.27 -15.18
CA SER A 55 11.63 3.10 -15.95
C SER A 55 10.68 3.46 -17.10
N LYS A 56 10.51 2.49 -17.97
CA LYS A 56 9.61 2.64 -19.17
C LYS A 56 8.20 3.00 -18.68
N LYS A 57 7.73 2.27 -17.68
CA LYS A 57 6.39 2.56 -17.05
C LYS A 57 6.32 3.91 -16.43
N ALA A 58 7.38 4.32 -15.76
CA ALA A 58 7.36 5.62 -15.13
C ALA A 58 7.32 6.71 -16.17
N LEU A 59 7.98 6.47 -17.31
CA LEU A 59 8.03 7.51 -18.31
C LEU A 59 6.64 7.74 -18.91
N GLU A 60 5.79 6.72 -18.88
CA GLU A 60 4.43 6.87 -19.45
C GLU A 60 3.36 7.29 -18.42
N MET A 61 3.71 7.26 -17.14
CA MET A 61 2.87 7.86 -16.12
C MET A 61 2.72 9.35 -16.30
N ARG A 62 1.47 9.80 -16.38
CA ARG A 62 1.16 11.19 -16.10
C ARG A 62 0.12 11.30 -15.00
N ALA A 63 0.06 12.48 -14.40
CA ALA A 63 -1.22 13.00 -13.99
C ALA A 63 -1.44 14.42 -14.46
N SER A 64 -2.66 14.90 -14.30
CA SER A 64 -3.69 14.77 -15.31
C SER A 64 -4.31 16.13 -15.36
N GLU A 65 -4.38 16.73 -16.54
CA GLU A 65 -4.71 18.18 -16.60
C GLU A 65 -6.08 18.51 -15.93
N VAL A 66 -7.08 17.63 -16.14
CA VAL A 66 -8.41 17.77 -15.49
C VAL A 66 -8.41 17.58 -13.94
N ARG A 67 -7.79 16.52 -13.40
CA ARG A 67 -7.69 16.36 -11.93
C ARG A 67 -7.02 17.55 -11.24
N GLU A 68 -5.99 18.09 -11.88
CA GLU A 68 -5.25 19.24 -11.35
C GLU A 68 -6.11 20.51 -11.29
N LEU A 69 -6.87 20.78 -12.35
CA LEU A 69 -7.83 21.92 -12.38
C LEU A 69 -8.94 21.79 -11.29
N LEU A 70 -9.48 20.57 -11.12
CA LEU A 70 -10.49 20.27 -10.11
C LEU A 70 -9.94 20.27 -8.66
N LYS A 71 -8.64 20.04 -8.51
CA LYS A 71 -7.98 20.26 -7.21
C LYS A 71 -8.13 21.73 -6.82
N LEU A 72 -7.85 22.59 -7.80
CA LEU A 72 -8.00 24.05 -7.68
C LEU A 72 -9.46 24.49 -7.42
N VAL A 73 -10.41 23.87 -8.13
CA VAL A 73 -11.84 24.20 -8.03
C VAL A 73 -12.43 23.94 -6.63
N GLU A 74 -12.05 22.82 -6.02
CA GLU A 74 -12.47 22.47 -4.66
C GLU A 74 -12.12 23.56 -3.63
N THR A 75 -10.93 24.17 -3.75
CA THR A 75 -10.49 25.22 -2.82
C THR A 75 -11.09 26.64 -3.05
N SER A 76 -12.05 26.77 -3.98
CA SER A 76 -12.63 28.07 -4.36
C SER A 76 -14.15 28.14 -4.09
N ASP A 77 -14.83 29.12 -4.69
CA ASP A 77 -16.27 29.42 -4.44
C ASP A 77 -17.28 28.73 -5.36
N ILE A 78 -16.81 28.10 -6.43
CA ILE A 78 -17.64 27.32 -7.37
C ILE A 78 -18.47 26.23 -6.62
N ILE A 79 -19.64 25.86 -7.10
CA ILE A 79 -20.32 24.68 -6.53
C ILE A 79 -19.74 23.46 -7.30
N SER A 80 -18.98 22.60 -6.64
CA SER A 80 -18.41 21.49 -7.35
C SER A 80 -19.25 20.21 -7.12
N LEU A 81 -19.64 19.59 -8.22
CA LEU A 81 -20.34 18.30 -8.23
C LEU A 81 -19.30 17.21 -8.68
N ALA A 82 -18.00 17.55 -8.64
CA ALA A 82 -16.99 16.74 -9.28
C ALA A 82 -16.35 15.74 -8.33
N GLY A 83 -16.63 15.88 -7.04
CA GLY A 83 -15.87 15.08 -6.08
C GLY A 83 -16.31 13.66 -6.05
N GLY A 84 -15.47 12.84 -5.43
CA GLY A 84 -15.72 11.41 -5.23
C GLY A 84 -15.65 11.09 -3.76
N LEU A 85 -15.81 12.10 -2.92
CA LEU A 85 -15.71 11.93 -1.47
C LEU A 85 -17.04 11.67 -0.75
N PRO A 86 -17.01 10.78 0.24
CA PRO A 86 -18.19 10.67 1.12
C PRO A 86 -18.23 11.90 2.10
N ASN A 87 -19.40 12.09 2.70
CA ASN A 87 -19.65 13.31 3.55
C ASN A 87 -19.24 13.00 4.98
N PRO A 88 -18.32 13.79 5.54
CA PRO A 88 -17.85 13.60 6.95
C PRO A 88 -18.96 13.54 7.95
N LYS A 89 -20.14 14.14 7.62
CA LYS A 89 -21.32 13.99 8.46
C LYS A 89 -21.84 12.60 8.67
N THR A 90 -21.46 11.70 7.77
CA THR A 90 -21.77 10.28 7.92
C THR A 90 -20.74 9.47 8.67
N PHE A 91 -19.61 10.05 9.06
CA PHE A 91 -18.61 9.25 9.81
C PHE A 91 -19.15 9.05 11.22
N PRO A 92 -19.11 7.82 11.74
CA PRO A 92 -19.65 7.50 13.09
C PRO A 92 -18.63 7.91 14.20
N LYS A 93 -18.48 9.21 14.40
CA LYS A 93 -17.40 9.71 15.22
C LYS A 93 -17.51 9.32 16.71
N GLU A 94 -18.71 9.24 17.24
CA GLU A 94 -18.88 8.86 18.66
C GLU A 94 -18.52 7.41 18.79
N ILE A 95 -18.99 6.59 17.87
CA ILE A 95 -18.64 5.13 17.97
C ILE A 95 -17.13 4.97 17.75
N ILE A 96 -16.58 5.79 16.83
CA ILE A 96 -15.12 5.72 16.67
C ILE A 96 -14.32 6.03 17.96
N ARG A 97 -14.72 7.11 18.65
CA ARG A 97 -14.10 7.54 19.89
C ARG A 97 -14.13 6.41 20.91
N ASP A 98 -15.31 5.79 21.05
CA ASP A 98 -15.48 4.73 22.08
C ASP A 98 -14.58 3.58 21.67
N ILE A 99 -14.53 3.25 20.37
CA ILE A 99 -13.67 2.12 19.91
C ILE A 99 -12.18 2.44 20.18
N LEU A 100 -11.77 3.67 19.94
CA LEU A 100 -10.38 4.05 20.24
C LEU A 100 -10.02 3.86 21.72
N VAL A 101 -10.93 4.22 22.63
CA VAL A 101 -10.71 4.06 24.04
C VAL A 101 -10.62 2.57 24.33
N GLU A 102 -11.52 1.81 23.76
CA GLU A 102 -11.51 0.37 23.97
C GLU A 102 -10.20 -0.25 23.50
N ILE A 103 -9.71 0.18 22.34
CA ILE A 103 -8.44 -0.37 21.89
C ILE A 103 -7.29 -0.09 22.81
N MET A 104 -7.18 1.12 23.33
CA MET A 104 -6.05 1.47 24.17
C MET A 104 -6.13 0.73 25.52
N GLU A 105 -7.35 0.33 25.91
CA GLU A 105 -7.57 -0.36 27.17
C GLU A 105 -7.28 -1.87 27.03
N LYS A 106 -7.71 -2.50 25.95
CA LYS A 106 -7.72 -3.97 25.84
C LYS A 106 -6.85 -4.56 24.74
N TYR A 107 -6.62 -3.79 23.69
CA TYR A 107 -6.03 -4.35 22.46
C TYR A 107 -4.76 -3.60 21.99
N ALA A 108 -4.14 -2.84 22.88
CA ALA A 108 -3.13 -1.83 22.44
C ALA A 108 -1.92 -2.50 21.73
N ASP A 109 -1.40 -3.59 22.28
CA ASP A 109 -0.23 -4.22 21.66
C ASP A 109 -0.52 -4.86 20.30
N LYS A 110 -1.73 -5.39 20.12
CA LYS A 110 -2.06 -5.99 18.86
C LYS A 110 -2.31 -4.86 17.81
N ALA A 111 -2.96 -3.79 18.24
CA ALA A 111 -3.22 -2.67 17.32
C ALA A 111 -1.95 -1.94 16.91
N LEU A 112 -0.93 -2.02 17.73
CA LEU A 112 0.26 -1.15 17.48
C LEU A 112 1.43 -1.91 16.90
N GLN A 113 1.38 -3.25 16.94
CA GLN A 113 2.44 -4.02 16.39
C GLN A 113 2.29 -4.31 14.87
N TYR A 114 3.38 -4.70 14.18
CA TYR A 114 3.24 -5.32 12.86
C TYR A 114 2.12 -6.39 12.88
N GLY A 115 1.41 -6.48 11.77
CA GLY A 115 0.42 -7.57 11.50
C GLY A 115 0.89 -8.62 10.48
N THR A 116 0.14 -9.73 10.35
CA THR A 116 0.43 -10.65 9.24
C THR A 116 0.02 -10.05 7.91
N THR A 117 0.62 -10.52 6.82
CA THR A 117 0.27 -9.95 5.51
C THR A 117 -1.21 -10.16 5.19
N LYS A 118 -1.73 -11.33 5.56
CA LYS A 118 -3.10 -11.65 5.20
C LYS A 118 -4.15 -10.77 5.91
N GLY A 119 -3.83 -10.24 7.08
CA GLY A 119 -4.71 -9.39 7.86
C GLY A 119 -4.92 -9.84 9.27
N PHE A 120 -5.56 -9.00 10.04
CA PHE A 120 -5.83 -9.25 11.46
C PHE A 120 -6.87 -10.36 11.52
N THR A 121 -6.49 -11.50 12.12
CA THR A 121 -7.47 -12.59 12.09
C THR A 121 -8.95 -12.33 12.57
N PRO A 122 -9.18 -11.58 13.69
CA PRO A 122 -10.53 -11.38 14.12
C PRO A 122 -11.35 -10.49 13.14
N LEU A 123 -10.69 -9.55 12.47
CA LEU A 123 -11.32 -8.85 11.32
C LEU A 123 -11.70 -9.76 10.16
N ARG A 124 -10.80 -10.60 9.69
CA ARG A 124 -11.08 -11.52 8.62
C ARG A 124 -12.26 -12.42 8.99
N GLU A 125 -12.27 -12.94 10.22
CA GLU A 125 -13.36 -13.81 10.71
C GLU A 125 -14.71 -13.07 10.77
N THR A 126 -14.72 -11.88 11.34
CA THR A 126 -15.95 -11.11 11.47
C THR A 126 -16.45 -10.68 10.10
N LEU A 127 -15.57 -10.36 9.15
CA LEU A 127 -16.07 -9.96 7.79
C LEU A 127 -16.66 -11.18 7.10
N MET A 128 -16.01 -12.36 7.22
CA MET A 128 -16.62 -13.52 6.56
C MET A 128 -17.98 -13.87 7.18
N LYS A 129 -18.13 -13.75 8.50
CA LYS A 129 -19.44 -13.99 9.12
C LYS A 129 -20.47 -12.97 8.62
N TRP A 130 -20.03 -11.73 8.55
CA TRP A 130 -20.86 -10.64 8.05
C TRP A 130 -21.31 -10.87 6.62
N LEU A 131 -20.36 -11.19 5.74
CA LEU A 131 -20.70 -11.35 4.33
C LEU A 131 -21.55 -12.64 4.13
N GLY A 132 -21.31 -13.64 4.97
CA GLY A 132 -22.11 -14.88 4.82
C GLY A 132 -23.56 -14.64 5.18
N LYS A 133 -23.80 -14.07 6.35
CA LYS A 133 -25.17 -13.72 6.82
C LYS A 133 -25.85 -12.68 5.94
N ARG A 134 -25.14 -11.59 5.62
CA ARG A 134 -25.78 -10.47 4.93
C ARG A 134 -26.03 -10.77 3.46
N TYR A 135 -25.13 -11.51 2.81
CA TYR A 135 -25.20 -11.59 1.37
C TYR A 135 -25.29 -13.01 0.89
N GLY A 136 -25.09 -13.95 1.81
CA GLY A 136 -24.96 -15.33 1.41
C GLY A 136 -23.73 -15.73 0.69
N ILE A 137 -22.60 -15.04 0.91
CA ILE A 137 -21.35 -15.40 0.28
C ILE A 137 -20.80 -16.66 0.94
N SER A 138 -20.30 -17.55 0.15
CA SER A 138 -19.91 -18.88 0.66
C SER A 138 -18.70 -18.83 1.57
N GLN A 139 -18.72 -19.62 2.65
CA GLN A 139 -17.59 -19.69 3.58
C GLN A 139 -16.42 -20.54 3.07
N ASP A 140 -16.58 -21.10 1.87
CA ASP A 140 -15.51 -21.80 1.14
C ASP A 140 -14.41 -20.81 0.66
N ASN A 141 -14.76 -19.53 0.62
CA ASN A 141 -13.77 -18.56 0.14
C ASN A 141 -12.82 -18.18 1.24
N ASP A 142 -11.64 -17.69 0.85
CA ASP A 142 -10.70 -17.12 1.76
C ASP A 142 -10.81 -15.61 1.63
N ILE A 143 -10.13 -14.93 2.56
CA ILE A 143 -10.23 -13.45 2.64
C ILE A 143 -8.87 -12.88 2.96
N MET A 144 -8.53 -11.76 2.33
CA MET A 144 -7.32 -11.07 2.73
C MET A 144 -7.74 -9.60 2.97
N ILE A 145 -7.08 -8.91 3.90
CA ILE A 145 -7.36 -7.51 4.15
C ILE A 145 -6.48 -6.70 3.25
N THR A 146 -7.00 -5.59 2.67
CA THR A 146 -6.18 -4.81 1.80
C THR A 146 -6.10 -3.34 2.33
N SER A 147 -5.18 -2.57 1.77
CA SER A 147 -4.98 -1.14 2.15
C SER A 147 -5.88 -0.33 1.28
N GLY A 148 -7.18 -0.59 1.49
CA GLY A 148 -8.24 -0.17 0.52
C GLY A 148 -8.42 -1.06 -0.66
N SER A 149 -9.60 -1.03 -1.22
CA SER A 149 -9.80 -1.62 -2.53
C SER A 149 -8.86 -1.15 -3.64
N GLN A 150 -8.35 0.08 -3.55
CA GLN A 150 -7.43 0.45 -4.55
C GLN A 150 -6.26 -0.55 -4.54
N GLN A 151 -5.80 -0.94 -3.35
CA GLN A 151 -4.67 -1.84 -3.33
C GLN A 151 -5.08 -3.19 -3.95
N ALA A 152 -6.30 -3.64 -3.68
CA ALA A 152 -6.77 -4.89 -4.32
C ALA A 152 -6.67 -4.82 -5.82
N LEU A 153 -7.01 -3.66 -6.44
CA LEU A 153 -6.96 -3.61 -7.85
C LEU A 153 -5.53 -3.67 -8.37
N ASP A 154 -4.58 -3.07 -7.67
CA ASP A 154 -3.20 -3.12 -8.11
C ASP A 154 -2.70 -4.57 -7.98
N LEU A 155 -3.09 -5.19 -6.88
CA LEU A 155 -2.67 -6.62 -6.70
C LEU A 155 -3.29 -7.57 -7.74
N ILE A 156 -4.57 -7.38 -8.08
CA ILE A 156 -5.16 -8.06 -9.26
C ILE A 156 -4.33 -7.88 -10.53
N GLY A 157 -3.95 -6.63 -10.86
CA GLY A 157 -3.08 -6.48 -12.02
C GLY A 157 -1.75 -7.26 -11.90
N ARG A 158 -1.11 -7.22 -10.71
CA ARG A 158 0.21 -7.81 -10.51
C ARG A 158 0.08 -9.34 -10.65
N VAL A 159 -1.03 -9.85 -10.11
CA VAL A 159 -1.19 -11.29 -9.97
C VAL A 159 -1.68 -11.98 -11.27
N PHE A 160 -2.48 -11.25 -12.04
CA PHE A 160 -3.13 -11.82 -13.23
C PHE A 160 -2.55 -11.35 -14.56
N LEU A 161 -2.05 -10.10 -14.64
CA LEU A 161 -1.89 -9.54 -15.95
C LEU A 161 -0.44 -9.53 -16.44
N ASN A 162 -0.23 -10.28 -17.54
CA ASN A 162 0.92 -10.13 -18.42
C ASN A 162 0.65 -9.00 -19.42
N PRO A 163 1.68 -8.38 -20.00
CA PRO A 163 1.34 -7.33 -21.04
C PRO A 163 0.62 -7.91 -22.21
N GLY A 164 -0.36 -7.16 -22.65
CA GLY A 164 -1.30 -7.62 -23.65
C GLY A 164 -2.45 -8.50 -23.26
N ASP A 165 -2.55 -8.95 -21.98
CA ASP A 165 -3.69 -9.77 -21.56
C ASP A 165 -4.95 -8.90 -21.64
N ILE A 166 -6.06 -9.53 -21.98
CA ILE A 166 -7.26 -8.73 -22.24
C ILE A 166 -8.06 -8.62 -20.95
N VAL A 167 -8.47 -7.36 -20.64
CA VAL A 167 -9.30 -7.12 -19.47
C VAL A 167 -10.56 -6.47 -20.06
N VAL A 168 -11.71 -7.01 -19.69
CA VAL A 168 -13.01 -6.38 -20.01
C VAL A 168 -13.37 -5.46 -18.86
N VAL A 169 -13.77 -4.27 -19.25
CA VAL A 169 -14.31 -3.28 -18.33
C VAL A 169 -15.66 -2.75 -18.91
N GLU A 170 -16.49 -2.22 -18.01
CA GLU A 170 -17.67 -1.44 -18.44
C GLU A 170 -17.25 -0.15 -19.10
N ALA A 171 -18.15 0.45 -19.92
CA ALA A 171 -17.87 1.74 -20.56
C ALA A 171 -19.11 2.57 -20.12
N PRO A 172 -18.96 3.46 -19.12
CA PRO A 172 -17.75 3.87 -18.41
C PRO A 172 -17.36 2.83 -17.34
N THR A 173 -16.23 3.07 -16.70
CA THR A 173 -15.85 2.31 -15.49
C THR A 173 -15.09 3.21 -14.52
N TYR A 174 -14.75 2.66 -13.36
CA TYR A 174 -14.02 3.36 -12.32
C TYR A 174 -12.64 3.79 -12.82
N LEU A 175 -12.41 5.10 -12.82
CA LEU A 175 -11.14 5.55 -13.41
C LEU A 175 -9.89 5.05 -12.68
N ALA A 176 -9.93 4.88 -11.37
CA ALA A 176 -8.70 4.45 -10.69
C ALA A 176 -8.49 2.96 -10.93
N ALA A 177 -9.50 2.20 -11.35
CA ALA A 177 -9.22 0.78 -11.68
C ALA A 177 -8.41 0.75 -12.97
N LEU A 178 -8.80 1.59 -13.96
CA LEU A 178 -8.01 1.65 -15.14
C LEU A 178 -6.55 2.09 -14.81
N GLN A 179 -6.42 3.03 -13.89
CA GLN A 179 -5.08 3.50 -13.47
C GLN A 179 -4.29 2.39 -12.86
N ALA A 180 -4.89 1.57 -12.01
CA ALA A 180 -4.17 0.45 -11.38
C ALA A 180 -3.76 -0.54 -12.47
N PHE A 181 -4.71 -0.92 -13.34
CA PHE A 181 -4.43 -1.98 -14.33
C PHE A 181 -3.45 -1.56 -15.37
N ASN A 182 -3.41 -0.27 -15.69
CA ASN A 182 -2.59 0.24 -16.79
C ASN A 182 -1.08 0.04 -16.62
N PHE A 183 -0.65 -0.10 -15.38
CA PHE A 183 0.76 -0.29 -15.05
C PHE A 183 1.19 -1.64 -15.66
N TYR A 184 0.24 -2.56 -15.74
CA TYR A 184 0.47 -3.98 -16.23
C TYR A 184 0.20 -4.20 -17.75
N GLU A 185 -0.10 -3.09 -18.44
CA GLU A 185 -0.22 -3.01 -19.90
C GLU A 185 -1.27 -4.01 -20.51
N PRO A 186 -2.49 -4.09 -19.93
CA PRO A 186 -3.53 -4.94 -20.58
C PRO A 186 -4.00 -4.31 -21.87
N GLN A 187 -4.69 -5.12 -22.67
CA GLN A 187 -5.57 -4.59 -23.73
C GLN A 187 -6.96 -4.56 -23.12
N TYR A 188 -7.70 -3.47 -23.36
CA TYR A 188 -9.09 -3.39 -22.89
C TYR A 188 -10.15 -3.67 -23.94
N ILE A 189 -11.19 -4.34 -23.51
CA ILE A 189 -12.44 -4.45 -24.28
C ILE A 189 -13.48 -3.81 -23.39
N GLN A 190 -14.23 -2.87 -23.96
CA GLN A 190 -15.17 -2.03 -23.26
C GLN A 190 -16.58 -2.49 -23.58
N ILE A 191 -17.44 -2.64 -22.58
CA ILE A 191 -18.77 -3.14 -22.84
C ILE A 191 -19.73 -2.01 -22.33
N PRO A 192 -20.50 -1.41 -23.24
CA PRO A 192 -21.42 -0.39 -22.71
C PRO A 192 -22.41 -0.83 -21.62
N LEU A 193 -22.77 0.15 -20.77
CA LEU A 193 -23.89 -0.02 -19.82
C LEU A 193 -25.14 0.57 -20.36
N ASP A 194 -26.27 0.08 -19.85
CA ASP A 194 -27.56 0.81 -19.97
C ASP A 194 -28.13 1.01 -18.59
N ASP A 195 -29.44 1.24 -18.45
CA ASP A 195 -29.96 1.52 -17.13
C ASP A 195 -30.10 0.24 -16.30
N GLU A 196 -29.76 -0.89 -16.90
CA GLU A 196 -29.70 -2.13 -16.12
C GLU A 196 -28.28 -2.70 -16.05
N GLY A 197 -27.30 -1.81 -16.16
CA GLY A 197 -25.89 -2.20 -15.93
C GLY A 197 -25.26 -2.68 -17.25
N MET A 198 -24.16 -3.41 -17.10
CA MET A 198 -23.39 -3.89 -18.26
C MET A 198 -24.28 -4.59 -19.25
N LYS A 199 -24.15 -4.22 -20.52
CA LYS A 199 -24.92 -4.99 -21.50
C LYS A 199 -24.23 -6.37 -21.80
N VAL A 200 -24.53 -7.39 -20.98
CA VAL A 200 -23.84 -8.69 -21.03
C VAL A 200 -24.02 -9.37 -22.40
N GLU A 201 -25.17 -9.13 -23.06
CA GLU A 201 -25.27 -9.61 -24.49
C GLU A 201 -24.16 -9.13 -25.44
N ILE A 202 -23.73 -7.85 -25.35
CA ILE A 202 -22.59 -7.33 -26.10
C ILE A 202 -21.30 -7.98 -25.62
N LEU A 203 -21.16 -8.23 -24.30
CA LEU A 203 -20.03 -9.05 -23.86
C LEU A 203 -19.97 -10.41 -24.58
N GLU A 204 -21.10 -11.15 -24.65
CA GLU A 204 -21.11 -12.45 -25.38
C GLU A 204 -20.63 -12.28 -26.84
N GLU A 205 -21.10 -11.22 -27.52
CA GLU A 205 -20.75 -10.99 -28.88
C GLU A 205 -19.27 -10.78 -29.01
N LYS A 206 -18.71 -9.90 -28.15
CA LYS A 206 -17.29 -9.65 -28.17
C LYS A 206 -16.42 -10.90 -27.80
N LEU A 207 -16.90 -11.74 -26.90
CA LEU A 207 -16.20 -13.01 -26.48
C LEU A 207 -16.14 -13.97 -27.70
N LYS A 208 -17.25 -14.03 -28.46
CA LYS A 208 -17.32 -14.86 -29.70
C LYS A 208 -16.36 -14.33 -30.74
N GLU A 209 -16.35 -13.01 -30.94
CA GLU A 209 -15.44 -12.36 -31.89
C GLU A 209 -13.96 -12.58 -31.49
N LEU A 210 -13.65 -12.51 -30.21
CA LEU A 210 -12.24 -12.74 -29.79
C LEU A 210 -11.90 -14.21 -30.00
N LYS A 211 -12.85 -15.08 -29.70
CA LYS A 211 -12.61 -16.56 -29.84
C LYS A 211 -12.23 -16.88 -31.30
N SER A 212 -12.94 -16.21 -32.20
CA SER A 212 -12.74 -16.35 -33.63
C SER A 212 -11.35 -15.85 -34.07
N GLN A 213 -10.70 -15.04 -33.22
CA GLN A 213 -9.35 -14.49 -33.47
C GLN A 213 -8.29 -15.33 -32.70
N GLY A 214 -8.74 -16.41 -32.09
CA GLY A 214 -7.88 -17.29 -31.27
C GLY A 214 -7.50 -16.70 -29.91
N LYS A 215 -8.29 -15.71 -29.46
CA LYS A 215 -7.97 -14.98 -28.25
C LYS A 215 -8.99 -15.22 -27.13
N LYS A 216 -8.61 -14.89 -25.91
CA LYS A 216 -9.54 -14.95 -24.78
C LYS A 216 -9.32 -13.78 -23.80
N VAL A 217 -10.37 -13.53 -23.02
CA VAL A 217 -10.33 -12.55 -21.92
C VAL A 217 -9.74 -13.19 -20.68
N LYS A 218 -8.86 -12.51 -19.94
CA LYS A 218 -8.46 -13.10 -18.63
C LYS A 218 -9.39 -12.67 -17.50
N VAL A 219 -9.76 -11.37 -17.50
CA VAL A 219 -10.48 -10.85 -16.30
C VAL A 219 -11.60 -9.94 -16.84
N VAL A 220 -12.74 -10.06 -16.22
CA VAL A 220 -13.84 -9.07 -16.42
C VAL A 220 -13.97 -8.35 -15.07
N TYR A 221 -13.80 -7.04 -15.20
CA TYR A 221 -13.87 -6.17 -14.05
C TYR A 221 -15.23 -5.44 -14.11
N THR A 222 -16.00 -5.61 -13.05
CA THR A 222 -17.37 -4.98 -12.97
C THR A 222 -17.56 -4.25 -11.65
N VAL A 223 -18.24 -3.11 -11.71
CA VAL A 223 -18.70 -2.39 -10.48
C VAL A 223 -20.23 -2.43 -10.63
N PRO A 224 -20.84 -3.54 -10.25
CA PRO A 224 -22.18 -3.81 -10.72
C PRO A 224 -23.29 -3.17 -9.88
N THR A 225 -23.00 -2.50 -8.75
CA THR A 225 -24.11 -1.93 -7.91
C THR A 225 -23.82 -0.46 -7.65
N PHE A 226 -24.72 0.38 -8.13
CA PHE A 226 -24.58 1.86 -7.96
C PHE A 226 -23.21 2.28 -8.50
N GLN A 227 -22.95 1.98 -9.74
CA GLN A 227 -21.62 2.16 -10.25
C GLN A 227 -21.02 3.56 -10.00
N ASN A 228 -19.73 3.57 -9.68
CA ASN A 228 -18.90 4.79 -9.93
C ASN A 228 -18.29 4.58 -11.36
N PRO A 229 -18.69 5.39 -12.37
CA PRO A 229 -19.40 6.70 -12.21
C PRO A 229 -20.88 6.68 -12.65
N ALA A 230 -21.36 5.56 -13.20
CA ALA A 230 -22.70 5.60 -13.87
C ALA A 230 -23.93 5.68 -12.97
N GLY A 231 -23.83 5.16 -11.74
CA GLY A 231 -24.99 5.12 -10.86
C GLY A 231 -25.99 3.97 -11.10
N VAL A 232 -25.72 3.09 -12.07
CA VAL A 232 -26.69 2.04 -12.45
C VAL A 232 -26.25 0.71 -11.84
N THR A 233 -27.18 -0.24 -11.87
CA THR A 233 -26.93 -1.52 -11.21
C THR A 233 -27.30 -2.65 -12.18
N MET A 234 -26.43 -3.66 -12.26
CA MET A 234 -26.61 -4.81 -13.14
C MET A 234 -27.74 -5.65 -12.54
N ASN A 235 -28.74 -6.01 -13.35
CA ASN A 235 -29.92 -6.67 -12.79
C ASN A 235 -29.55 -8.14 -12.56
N GLU A 236 -30.45 -8.89 -11.92
CA GLU A 236 -30.18 -10.27 -11.52
C GLU A 236 -29.91 -11.17 -12.74
N ASP A 237 -30.75 -11.05 -13.79
CA ASP A 237 -30.53 -11.87 -15.02
C ASP A 237 -29.13 -11.71 -15.56
N ARG A 238 -28.67 -10.46 -15.63
CA ARG A 238 -27.36 -10.21 -16.19
C ARG A 238 -26.21 -10.75 -15.33
N ARG A 239 -26.39 -10.76 -14.02
CA ARG A 239 -25.39 -11.30 -13.11
C ARG A 239 -25.22 -12.78 -13.38
N LYS A 240 -26.36 -13.46 -13.51
CA LYS A 240 -26.37 -14.89 -13.85
C LYS A 240 -25.81 -15.20 -15.20
N TYR A 241 -26.11 -14.35 -16.18
CA TYR A 241 -25.61 -14.47 -17.56
C TYR A 241 -24.11 -14.24 -17.57
N LEU A 242 -23.63 -13.25 -16.84
CA LEU A 242 -22.18 -12.98 -16.74
C LEU A 242 -21.43 -14.22 -16.23
N LEU A 243 -21.98 -14.86 -15.21
CA LEU A 243 -21.33 -16.05 -14.71
C LEU A 243 -21.40 -17.25 -15.68
N GLU A 244 -22.47 -17.39 -16.44
CA GLU A 244 -22.47 -18.46 -17.45
C GLU A 244 -21.33 -18.18 -18.42
N LEU A 245 -21.16 -16.90 -18.85
CA LEU A 245 -20.08 -16.63 -19.75
C LEU A 245 -18.70 -16.91 -19.12
N ALA A 246 -18.60 -16.68 -17.79
CA ALA A 246 -17.32 -16.82 -17.06
C ALA A 246 -16.93 -18.33 -17.10
N SER A 247 -17.93 -19.15 -16.97
CA SER A 247 -17.71 -20.61 -17.01
C SER A 247 -17.44 -21.06 -18.47
N GLU A 248 -18.29 -20.60 -19.40
CA GLU A 248 -18.16 -21.02 -20.79
C GLU A 248 -16.83 -20.61 -21.39
N TYR A 249 -16.40 -19.37 -21.11
CA TYR A 249 -15.20 -18.78 -21.70
C TYR A 249 -13.98 -18.82 -20.75
N ASP A 250 -14.15 -19.36 -19.57
CA ASP A 250 -13.09 -19.54 -18.55
C ASP A 250 -12.29 -18.26 -18.19
N PHE A 251 -13.00 -17.26 -17.65
CA PHE A 251 -12.35 -16.07 -17.13
C PHE A 251 -12.72 -15.85 -15.67
N ILE A 252 -11.98 -14.92 -15.05
CA ILE A 252 -12.17 -14.48 -13.69
C ILE A 252 -12.97 -13.19 -13.68
N VAL A 253 -13.91 -13.12 -12.75
CA VAL A 253 -14.71 -11.86 -12.59
C VAL A 253 -14.19 -11.16 -11.31
N VAL A 254 -13.95 -9.84 -11.41
CA VAL A 254 -13.70 -9.06 -10.24
C VAL A 254 -14.94 -8.24 -10.01
N GLU A 255 -15.50 -8.43 -8.86
CA GLU A 255 -16.72 -7.68 -8.44
C GLU A 255 -16.30 -6.65 -7.40
N ASP A 256 -16.36 -5.37 -7.81
CA ASP A 256 -15.91 -4.29 -6.93
C ASP A 256 -17.13 -3.64 -6.35
N ASP A 257 -17.32 -3.76 -5.04
CA ASP A 257 -18.59 -3.36 -4.38
C ASP A 257 -18.49 -2.37 -3.17
N PRO A 258 -18.15 -1.09 -3.45
CA PRO A 258 -17.96 -0.17 -2.32
C PRO A 258 -19.29 0.32 -1.76
N TYR A 259 -20.36 0.27 -2.57
CA TYR A 259 -21.56 1.08 -2.33
C TYR A 259 -22.83 0.29 -1.98
N GLY A 260 -22.75 -1.06 -1.97
CA GLY A 260 -23.99 -1.87 -1.79
C GLY A 260 -24.86 -1.50 -0.61
N GLU A 261 -24.26 -1.05 0.50
CA GLU A 261 -25.04 -0.75 1.71
C GLU A 261 -25.59 0.66 1.65
N LEU A 262 -25.14 1.42 0.68
CA LEU A 262 -25.69 2.82 0.49
C LEU A 262 -26.92 2.76 -0.42
N ARG A 263 -27.87 1.92 -0.08
CA ARG A 263 -29.09 1.81 -0.87
C ARG A 263 -30.21 2.69 -0.30
N TYR A 264 -30.81 3.55 -1.11
CA TYR A 264 -31.83 4.45 -0.60
C TYR A 264 -33.21 4.00 -1.00
N SER A 265 -33.31 3.23 -2.06
CA SER A 265 -34.62 2.73 -2.52
C SER A 265 -34.47 1.39 -3.20
N GLY A 266 -35.58 0.68 -3.39
CA GLY A 266 -35.52 -0.63 -4.00
C GLY A 266 -35.05 -1.65 -3.02
N ASN A 267 -34.89 -2.86 -3.57
CA ASN A 267 -34.58 -4.06 -2.74
C ASN A 267 -33.14 -4.46 -3.01
N PRO A 268 -32.44 -5.10 -2.02
CA PRO A 268 -31.03 -5.46 -2.31
C PRO A 268 -30.91 -6.42 -3.47
N GLU A 269 -29.89 -6.18 -4.29
CA GLU A 269 -29.46 -7.10 -5.32
C GLU A 269 -28.78 -8.25 -4.67
N LYS A 270 -28.64 -9.33 -5.44
CA LYS A 270 -27.73 -10.46 -5.07
C LYS A 270 -26.31 -10.16 -5.55
N LYS A 271 -25.35 -10.28 -4.65
CA LYS A 271 -23.94 -10.11 -5.05
C LYS A 271 -23.64 -11.14 -6.12
N ILE A 272 -22.87 -10.74 -7.12
CA ILE A 272 -22.39 -11.70 -8.12
C ILE A 272 -21.68 -12.80 -7.32
N LYS A 273 -20.88 -12.40 -6.35
CA LYS A 273 -20.11 -13.40 -5.58
C LYS A 273 -21.02 -14.38 -4.83
N ALA A 274 -22.23 -13.95 -4.49
CA ALA A 274 -23.22 -14.87 -3.82
C ALA A 274 -23.75 -15.90 -4.80
N LEU A 275 -23.65 -15.63 -6.12
CA LEU A 275 -24.13 -16.58 -7.12
C LEU A 275 -23.01 -17.46 -7.65
N ASP A 276 -21.79 -17.23 -7.15
CA ASP A 276 -20.57 -17.82 -7.72
C ASP A 276 -20.29 -19.26 -7.30
N ASN A 277 -20.96 -20.25 -7.88
CA ASN A 277 -20.59 -21.59 -7.43
C ASN A 277 -19.28 -22.21 -7.90
N GLU A 278 -18.64 -21.65 -8.92
CA GLU A 278 -17.35 -22.14 -9.42
C GLU A 278 -16.10 -21.53 -8.73
N GLY A 279 -16.29 -20.55 -7.85
CA GLY A 279 -15.15 -19.82 -7.22
C GLY A 279 -14.41 -18.89 -8.19
N ARG A 280 -15.16 -18.35 -9.16
CA ARG A 280 -14.63 -17.56 -10.26
C ARG A 280 -14.62 -16.07 -10.00
N VAL A 281 -15.32 -15.66 -8.97
CA VAL A 281 -15.44 -14.21 -8.63
C VAL A 281 -14.44 -13.82 -7.53
N ILE A 282 -13.76 -12.68 -7.67
CA ILE A 282 -13.00 -12.11 -6.57
C ILE A 282 -13.82 -10.90 -6.15
N TYR A 283 -14.31 -10.92 -4.93
CA TYR A 283 -15.22 -9.86 -4.41
C TYR A 283 -14.38 -8.84 -3.60
N LEU A 284 -14.57 -7.53 -3.89
CA LEU A 284 -13.83 -6.49 -3.18
C LEU A 284 -14.80 -5.60 -2.40
N GLY A 285 -14.56 -5.51 -1.09
CA GLY A 285 -15.34 -4.51 -0.35
C GLY A 285 -14.42 -3.56 0.32
N THR A 286 -14.98 -2.53 0.94
CA THR A 286 -14.11 -1.57 1.60
C THR A 286 -14.89 -0.87 2.71
N PHE A 287 -14.16 -0.33 3.70
CA PHE A 287 -14.78 0.42 4.77
C PHE A 287 -14.93 1.90 4.37
N SER A 288 -14.46 2.25 3.19
CA SER A 288 -14.35 3.73 2.87
C SER A 288 -15.65 4.47 2.95
N LYS A 289 -16.74 3.87 2.49
CA LYS A 289 -18.01 4.67 2.53
C LYS A 289 -18.96 4.22 3.61
N ILE A 290 -18.67 3.10 4.26
CA ILE A 290 -19.52 2.62 5.36
C ILE A 290 -18.96 2.85 6.77
N LEU A 291 -17.70 3.23 6.87
CA LEU A 291 -17.05 3.66 8.14
C LEU A 291 -16.48 5.01 7.86
N ALA A 292 -15.29 5.05 7.27
CA ALA A 292 -14.70 6.36 6.86
C ALA A 292 -13.49 5.97 5.98
N PRO A 293 -13.08 6.80 5.04
CA PRO A 293 -11.96 6.32 4.18
C PRO A 293 -10.58 6.40 4.88
N GLY A 294 -10.50 7.19 5.96
CA GLY A 294 -9.21 7.54 6.63
C GLY A 294 -8.41 6.37 7.21
N PHE A 295 -9.08 5.25 7.37
CA PHE A 295 -8.35 4.06 7.90
C PHE A 295 -7.70 3.22 6.84
N ARG A 296 -8.11 3.38 5.55
CA ARG A 296 -7.62 2.66 4.38
C ARG A 296 -7.62 1.14 4.63
N ILE A 297 -8.82 0.60 4.88
CA ILE A 297 -8.96 -0.83 5.13
C ILE A 297 -10.00 -1.33 4.10
N GLY A 298 -9.66 -2.38 3.34
CA GLY A 298 -10.68 -3.04 2.46
C GLY A 298 -10.42 -4.56 2.58
N TRP A 299 -11.19 -5.34 1.82
CA TRP A 299 -10.99 -6.82 1.86
C TRP A 299 -11.23 -7.40 0.47
N MET A 300 -10.65 -8.58 0.23
CA MET A 300 -10.76 -9.23 -1.04
C MET A 300 -11.10 -10.67 -0.66
N VAL A 301 -12.16 -11.19 -1.29
CA VAL A 301 -12.69 -12.54 -0.90
C VAL A 301 -12.70 -13.41 -2.18
N GLY A 302 -12.17 -14.64 -2.11
CA GLY A 302 -12.22 -15.40 -3.33
C GLY A 302 -11.60 -16.78 -3.06
N ASP A 303 -11.33 -17.47 -4.17
CA ASP A 303 -10.69 -18.82 -4.16
C ASP A 303 -9.42 -18.82 -3.35
N PRO A 304 -9.23 -19.83 -2.48
CA PRO A 304 -8.03 -19.83 -1.64
C PRO A 304 -6.76 -19.83 -2.41
N GLY A 305 -6.68 -20.49 -3.59
CA GLY A 305 -5.46 -20.47 -4.39
C GLY A 305 -5.07 -19.07 -4.88
N ILE A 306 -6.09 -18.32 -5.32
CA ILE A 306 -5.89 -16.92 -5.72
C ILE A 306 -5.46 -16.04 -4.53
N ILE A 307 -6.18 -16.13 -3.41
CA ILE A 307 -5.85 -15.33 -2.25
C ILE A 307 -4.44 -15.62 -1.75
N ARG A 308 -4.05 -16.90 -1.74
CA ARG A 308 -2.69 -17.18 -1.33
C ARG A 308 -1.66 -16.45 -2.19
N LYS A 309 -1.81 -16.44 -3.52
CA LYS A 309 -0.91 -15.71 -4.40
C LYS A 309 -1.00 -14.20 -4.14
N MET A 310 -2.20 -13.72 -3.90
CA MET A 310 -2.36 -12.29 -3.57
C MET A 310 -1.59 -11.93 -2.29
N GLU A 311 -1.62 -12.81 -1.30
CA GLU A 311 -0.93 -12.56 -0.04
C GLU A 311 0.58 -12.42 -0.30
N ILE A 312 1.17 -13.34 -1.07
CA ILE A 312 2.59 -13.25 -1.37
C ILE A 312 2.95 -11.95 -2.14
N ALA A 313 2.10 -11.52 -3.07
CA ALA A 313 2.33 -10.32 -3.84
C ALA A 313 2.28 -9.08 -2.94
N LYS A 314 1.30 -9.08 -2.03
CA LYS A 314 1.14 -7.94 -1.13
C LYS A 314 2.31 -7.81 -0.16
N GLN A 315 2.86 -8.95 0.27
CA GLN A 315 3.94 -8.91 1.27
C GLN A 315 5.10 -7.92 0.94
N SER A 316 5.47 -7.89 -0.33
CA SER A 316 6.54 -7.05 -0.90
C SER A 316 6.10 -5.63 -1.18
N THR A 317 4.80 -5.41 -1.34
CA THR A 317 4.37 -4.02 -1.60
C THR A 317 4.18 -3.14 -0.31
N ASP A 318 3.73 -3.70 0.84
CA ASP A 318 3.54 -2.90 2.06
C ASP A 318 3.64 -3.63 3.36
N LEU A 319 4.09 -4.90 3.30
CA LEU A 319 4.22 -5.78 4.48
C LEU A 319 2.84 -6.16 5.06
N CYS A 320 2.08 -5.19 5.57
CA CYS A 320 0.71 -5.48 6.06
C CYS A 320 -0.06 -4.16 5.96
N THR A 321 -1.37 -4.27 5.91
CA THR A 321 -2.25 -3.12 6.06
C THR A 321 -2.24 -2.68 7.48
N ASN A 322 -2.36 -1.41 7.68
CA ASN A 322 -2.24 -0.91 9.04
C ASN A 322 -3.10 -1.54 10.07
N VAL A 323 -2.42 -2.04 11.09
CA VAL A 323 -3.06 -3.00 11.98
C VAL A 323 -3.98 -2.18 12.89
N PHE A 324 -3.60 -0.91 13.15
CA PHE A 324 -4.40 -0.12 14.08
C PHE A 324 -5.82 0.01 13.50
N GLY A 325 -5.92 0.44 12.24
CA GLY A 325 -7.21 0.55 11.56
C GLY A 325 -7.96 -0.77 11.43
N GLN A 326 -7.21 -1.86 11.31
CA GLN A 326 -7.90 -3.14 11.25
C GLN A 326 -8.55 -3.49 12.58
N VAL A 327 -7.92 -3.10 13.68
CA VAL A 327 -8.55 -3.39 15.00
C VAL A 327 -9.77 -2.49 15.19
N VAL A 328 -9.68 -1.24 14.74
CA VAL A 328 -10.81 -0.35 14.74
C VAL A 328 -11.96 -0.98 13.96
N ALA A 329 -11.70 -1.43 12.72
CA ALA A 329 -12.74 -1.97 11.86
C ALA A 329 -13.32 -3.29 12.45
N TRP A 330 -12.47 -4.08 13.08
CA TRP A 330 -12.93 -5.28 13.68
C TRP A 330 -13.98 -4.93 14.75
N ARG A 331 -13.63 -4.06 15.69
CA ARG A 331 -14.63 -3.67 16.78
C ARG A 331 -15.90 -3.08 16.11
N TYR A 332 -15.71 -2.29 15.06
CA TYR A 332 -16.85 -1.69 14.35
C TYR A 332 -17.84 -2.71 13.82
N VAL A 333 -17.33 -3.79 13.20
CA VAL A 333 -18.23 -4.78 12.65
C VAL A 333 -18.69 -5.73 13.80
N ASP A 334 -17.70 -6.28 14.53
CA ASP A 334 -18.02 -7.27 15.58
C ASP A 334 -18.88 -6.73 16.70
N GLY A 335 -18.76 -5.44 16.99
CA GLY A 335 -19.57 -4.82 18.05
C GLY A 335 -20.97 -4.44 17.64
N GLY A 336 -21.34 -4.72 16.38
CA GLY A 336 -22.68 -4.50 15.82
C GLY A 336 -22.86 -3.07 15.37
N TYR A 337 -21.80 -2.27 15.38
CA TYR A 337 -21.93 -0.82 15.11
C TYR A 337 -22.17 -0.51 13.66
N LEU A 338 -21.56 -1.29 12.81
CA LEU A 338 -21.72 -1.13 11.37
C LEU A 338 -23.18 -1.36 10.98
N GLU A 339 -23.72 -2.49 11.45
CA GLU A 339 -25.14 -2.81 11.21
C GLU A 339 -26.08 -1.65 11.65
N LYS A 340 -25.80 -1.05 12.77
CA LYS A 340 -26.61 0.02 13.30
C LYS A 340 -26.42 1.34 12.55
N HIS A 341 -25.20 1.57 12.06
CA HIS A 341 -24.86 2.85 11.39
C HIS A 341 -25.35 2.94 9.96
N ILE A 342 -25.41 1.80 9.26
CA ILE A 342 -25.81 1.80 7.82
C ILE A 342 -27.12 2.52 7.59
N PRO A 343 -28.17 2.25 8.44
CA PRO A 343 -29.42 3.05 8.24
C PRO A 343 -29.25 4.58 8.36
N GLU A 344 -28.28 5.03 9.14
CA GLU A 344 -28.06 6.45 9.33
C GLU A 344 -27.33 7.03 8.15
N ILE A 345 -26.46 6.22 7.53
CA ILE A 345 -25.88 6.75 6.26
C ILE A 345 -26.95 6.91 5.14
N ARG A 346 -27.83 5.90 5.00
CA ARG A 346 -28.91 5.93 4.01
C ARG A 346 -29.79 7.12 4.25
N LYS A 347 -30.18 7.38 5.52
CA LYS A 347 -31.08 8.54 5.82
C LYS A 347 -30.46 9.86 5.44
N PHE A 348 -29.16 9.97 5.60
CA PHE A 348 -28.42 11.16 5.25
C PHE A 348 -28.33 11.42 3.74
N TYR A 349 -27.92 10.40 2.98
CA TYR A 349 -27.76 10.63 1.50
C TYR A 349 -29.04 10.64 0.65
N LYS A 350 -30.08 9.95 1.06
CA LYS A 350 -31.29 9.79 0.25
C LYS A 350 -31.85 11.15 -0.16
N PRO A 351 -32.02 12.08 0.83
CA PRO A 351 -32.55 13.37 0.31
C PRO A 351 -31.66 14.18 -0.61
N ARG A 352 -30.36 13.93 -0.56
CA ARG A 352 -29.39 14.56 -1.46
C ARG A 352 -29.52 14.03 -2.85
N ARG A 353 -29.65 12.70 -2.93
CA ARG A 353 -29.92 12.12 -4.24
C ARG A 353 -31.24 12.67 -4.78
N ASP A 354 -32.26 12.72 -3.92
CA ASP A 354 -33.59 13.14 -4.36
C ASP A 354 -33.56 14.58 -4.83
N ALA A 355 -32.87 15.44 -4.09
CA ALA A 355 -32.80 16.86 -4.47
C ALA A 355 -32.14 16.97 -5.81
N MET A 356 -31.06 16.23 -5.98
CA MET A 356 -30.39 16.35 -7.31
C MET A 356 -31.27 15.85 -8.46
N LEU A 357 -31.99 14.73 -8.25
CA LEU A 357 -32.91 14.15 -9.29
C LEU A 357 -34.07 15.10 -9.57
N GLU A 358 -34.53 15.74 -8.52
CA GLU A 358 -35.64 16.69 -8.72
C GLU A 358 -35.18 17.86 -9.50
N ALA A 359 -33.98 18.37 -9.19
CA ALA A 359 -33.43 19.58 -9.87
C ALA A 359 -33.15 19.33 -11.38
N LEU A 360 -32.58 18.14 -11.68
CA LEU A 360 -32.26 17.87 -13.07
C LEU A 360 -33.54 17.87 -13.88
N GLU A 361 -34.53 17.16 -13.39
CA GLU A 361 -35.84 17.05 -14.07
C GLU A 361 -36.45 18.43 -14.26
N GLU A 362 -36.36 19.27 -13.25
CA GLU A 362 -37.02 20.60 -13.38
C GLU A 362 -36.21 21.54 -14.23
N PHE A 363 -34.87 21.43 -14.23
CA PHE A 363 -34.07 22.41 -14.92
C PHE A 363 -33.44 22.04 -16.28
N MET A 364 -33.15 20.74 -16.49
CA MET A 364 -32.43 20.31 -17.70
C MET A 364 -33.29 20.50 -18.96
N PRO A 365 -32.69 21.05 -20.02
CA PRO A 365 -33.44 21.12 -21.29
C PRO A 365 -33.68 19.76 -21.94
N GLU A 366 -34.60 19.75 -22.90
CA GLU A 366 -34.87 18.57 -23.71
C GLU A 366 -33.61 17.91 -24.23
N GLY A 367 -33.59 16.58 -24.20
CA GLY A 367 -32.52 15.84 -24.87
C GLY A 367 -31.38 15.55 -23.90
N VAL A 368 -31.46 16.09 -22.68
CA VAL A 368 -30.43 15.73 -21.68
C VAL A 368 -30.97 14.54 -20.95
N LYS A 369 -30.11 13.52 -20.65
CA LYS A 369 -30.58 12.30 -20.01
C LYS A 369 -29.67 12.02 -18.80
N TRP A 370 -30.20 11.33 -17.82
CA TRP A 370 -29.33 10.96 -16.65
C TRP A 370 -29.78 9.73 -16.06
N THR A 371 -28.84 9.05 -15.39
CA THR A 371 -29.26 7.92 -14.66
C THR A 371 -30.04 8.21 -13.37
N LYS A 372 -30.71 7.18 -12.85
CA LYS A 372 -31.56 7.31 -11.69
C LYS A 372 -31.18 6.26 -10.69
N PRO A 373 -30.08 6.50 -9.92
CA PRO A 373 -29.51 5.42 -9.13
C PRO A 373 -30.40 5.11 -7.97
N GLU A 374 -30.39 3.86 -7.51
CA GLU A 374 -31.11 3.53 -6.29
C GLU A 374 -30.22 3.64 -5.02
N GLY A 375 -28.99 4.15 -5.24
CA GLY A 375 -28.06 4.13 -4.20
C GLY A 375 -26.74 4.77 -4.63
N GLY A 376 -25.79 4.74 -3.70
CA GLY A 376 -24.40 5.17 -4.00
C GLY A 376 -24.24 6.67 -4.02
N MET A 377 -23.36 7.21 -4.86
CA MET A 377 -22.93 8.63 -4.62
C MET A 377 -23.04 9.49 -5.88
N PHE A 378 -23.38 8.86 -6.99
CA PHE A 378 -23.26 9.49 -8.32
C PHE A 378 -24.48 9.41 -9.21
N ILE A 379 -24.63 10.46 -10.01
CA ILE A 379 -25.63 10.55 -11.10
C ILE A 379 -24.82 10.86 -12.39
N TRP A 380 -25.16 10.16 -13.47
CA TRP A 380 -24.37 10.17 -14.69
C TRP A 380 -25.24 10.79 -15.74
N VAL A 381 -24.75 11.88 -16.30
CA VAL A 381 -25.53 12.65 -17.30
C VAL A 381 -25.01 12.48 -18.73
N THR A 382 -25.96 12.33 -19.70
CA THR A 382 -25.65 12.20 -21.12
C THR A 382 -26.20 13.42 -21.85
N LEU A 383 -25.33 14.10 -22.57
CA LEU A 383 -25.72 15.33 -23.28
C LEU A 383 -26.17 15.07 -24.73
N PRO A 384 -27.08 15.93 -25.27
CA PRO A 384 -27.54 15.76 -26.65
C PRO A 384 -26.65 16.48 -27.64
N ASP A 385 -26.99 16.29 -28.93
CA ASP A 385 -26.32 16.89 -30.09
C ASP A 385 -24.80 16.93 -30.07
N GLY A 386 -24.13 15.86 -29.65
CA GLY A 386 -22.68 15.88 -29.69
C GLY A 386 -21.92 16.98 -28.96
N ILE A 387 -22.50 17.58 -27.90
CA ILE A 387 -21.69 18.40 -26.98
C ILE A 387 -20.52 17.60 -26.39
N ASP A 388 -19.37 18.24 -26.28
CA ASP A 388 -18.20 17.66 -25.65
C ASP A 388 -18.12 18.18 -24.23
N SER A 389 -18.33 17.31 -23.22
CA SER A 389 -18.37 17.86 -21.86
C SER A 389 -17.05 18.32 -21.32
N LYS A 390 -15.96 17.87 -21.93
CA LYS A 390 -14.66 18.27 -21.44
C LYS A 390 -14.43 19.71 -21.92
N LYS A 391 -14.71 19.97 -23.19
CA LYS A 391 -14.80 21.33 -23.78
C LYS A 391 -15.72 22.23 -22.92
N MET A 392 -16.91 21.72 -22.58
CA MET A 392 -17.93 22.52 -21.82
C MET A 392 -17.54 22.88 -20.40
N LEU A 393 -16.67 22.09 -19.76
CA LEU A 393 -16.30 22.37 -18.36
C LEU A 393 -15.82 23.81 -18.12
N GLU A 394 -15.15 24.40 -19.14
CA GLU A 394 -14.66 25.76 -19.06
C GLU A 394 -15.83 26.74 -18.82
N ARG A 395 -16.88 26.59 -19.61
CA ARG A 395 -18.06 27.43 -19.54
C ARG A 395 -18.79 27.21 -18.21
N ALA A 396 -18.82 25.94 -17.75
CA ALA A 396 -19.55 25.58 -16.55
C ALA A 396 -18.85 26.22 -15.37
N ILE A 397 -17.53 26.19 -15.38
CA ILE A 397 -16.76 26.78 -14.28
C ILE A 397 -16.94 28.31 -14.23
N LYS A 398 -17.03 28.95 -15.38
CA LYS A 398 -17.31 30.40 -15.44
C LYS A 398 -18.67 30.73 -14.83
N LYS A 399 -19.63 29.82 -15.01
CA LYS A 399 -20.97 30.01 -14.47
C LYS A 399 -21.15 29.47 -13.04
N GLY A 400 -20.06 29.09 -12.38
CA GLY A 400 -20.09 28.70 -11.00
C GLY A 400 -20.34 27.21 -10.69
N VAL A 401 -20.08 26.31 -11.65
CA VAL A 401 -20.33 24.85 -11.36
C VAL A 401 -19.27 23.95 -11.98
N ALA A 402 -18.94 22.83 -11.31
CA ALA A 402 -17.94 21.89 -11.83
C ALA A 402 -18.55 20.45 -11.76
N TYR A 403 -18.05 19.60 -12.63
CA TYR A 403 -18.41 18.16 -12.69
C TYR A 403 -17.20 17.43 -13.26
N VAL A 404 -17.17 16.10 -13.24
CA VAL A 404 -16.05 15.46 -13.98
C VAL A 404 -16.47 15.07 -15.39
N PRO A 405 -15.70 15.49 -16.44
CA PRO A 405 -16.05 15.13 -17.79
C PRO A 405 -15.92 13.58 -17.87
N GLY A 406 -16.89 12.92 -18.52
CA GLY A 406 -16.99 11.45 -18.55
C GLY A 406 -15.86 10.77 -19.31
N GLU A 407 -15.17 11.54 -20.20
CA GLU A 407 -14.13 10.91 -21.08
C GLU A 407 -13.09 10.08 -20.30
N ALA A 408 -12.66 10.56 -19.13
CA ALA A 408 -11.63 9.91 -18.34
C ALA A 408 -12.08 8.53 -17.85
N PHE A 409 -13.38 8.29 -17.84
CA PHE A 409 -13.91 6.99 -17.33
C PHE A 409 -14.02 5.93 -18.44
N TYR A 410 -13.53 6.21 -19.65
CA TYR A 410 -13.65 5.24 -20.73
C TYR A 410 -12.22 4.72 -21.03
N ALA A 411 -12.03 3.40 -21.10
CA ALA A 411 -10.69 2.83 -21.34
C ALA A 411 -10.11 3.42 -22.61
N HIS A 412 -10.96 3.60 -23.63
CA HIS A 412 -10.50 4.16 -24.91
C HIS A 412 -10.80 5.66 -25.02
N ARG A 413 -11.15 6.30 -23.90
CA ARG A 413 -11.44 7.74 -23.89
C ARG A 413 -12.14 8.14 -25.19
N ASP A 414 -13.11 7.33 -25.60
CA ASP A 414 -13.72 7.54 -26.90
C ASP A 414 -15.02 8.36 -26.89
N VAL A 415 -15.82 8.25 -25.80
CA VAL A 415 -17.11 8.95 -25.60
C VAL A 415 -16.95 10.32 -24.88
N LYS A 416 -17.56 11.36 -25.46
CA LYS A 416 -17.26 12.75 -25.09
C LYS A 416 -18.45 13.59 -24.49
N ASN A 417 -19.67 13.09 -24.56
CA ASN A 417 -20.90 13.80 -24.16
C ASN A 417 -21.47 13.39 -22.78
N THR A 418 -20.62 12.83 -21.93
CA THR A 418 -21.06 12.39 -20.58
C THR A 418 -20.40 13.14 -19.41
N MET A 419 -21.07 13.15 -18.25
CA MET A 419 -20.50 13.81 -17.05
C MET A 419 -20.83 13.00 -15.80
N ARG A 420 -19.95 12.97 -14.84
CA ARG A 420 -20.30 12.44 -13.53
C ARG A 420 -20.58 13.54 -12.51
N LEU A 421 -21.74 13.41 -11.86
CA LEU A 421 -22.16 14.35 -10.77
C LEU A 421 -22.14 13.65 -9.46
N ASN A 422 -21.69 14.31 -8.43
CA ASN A 422 -21.77 13.74 -7.07
C ASN A 422 -22.77 14.48 -6.16
N PHE A 423 -23.59 13.74 -5.45
CA PHE A 423 -24.61 14.38 -4.60
C PHE A 423 -24.27 14.26 -3.08
N THR A 424 -23.22 13.54 -2.73
CA THR A 424 -22.91 13.30 -1.32
C THR A 424 -22.20 14.40 -0.56
N TYR A 425 -21.47 15.24 -1.27
CA TYR A 425 -20.50 16.11 -0.57
C TYR A 425 -20.72 17.55 -0.94
N VAL A 426 -21.93 17.93 -1.16
CA VAL A 426 -22.11 19.33 -1.30
C VAL A 426 -23.36 19.51 -0.52
N ASP A 427 -23.49 20.67 0.08
CA ASP A 427 -24.72 20.94 0.82
C ASP A 427 -25.91 20.91 -0.11
N GLU A 428 -27.06 20.43 0.38
CA GLU A 428 -28.32 20.29 -0.40
C GLU A 428 -28.79 21.56 -1.11
N ASP A 429 -28.66 22.68 -0.40
CA ASP A 429 -29.03 23.96 -0.99
C ASP A 429 -28.17 24.23 -2.27
N LYS A 430 -26.90 23.86 -2.18
CA LYS A 430 -25.99 24.00 -3.30
C LYS A 430 -26.29 23.01 -4.42
N ILE A 431 -26.83 21.83 -4.10
CA ILE A 431 -27.27 20.86 -5.17
C ILE A 431 -28.26 21.56 -6.16
N MET A 432 -29.30 22.16 -5.60
CA MET A 432 -30.30 22.84 -6.48
C MET A 432 -29.63 23.89 -7.34
N GLU A 433 -28.85 24.76 -6.71
CA GLU A 433 -28.31 25.88 -7.44
C GLU A 433 -27.25 25.39 -8.46
N GLY A 434 -26.48 24.37 -8.03
CA GLY A 434 -25.50 23.75 -8.92
C GLY A 434 -26.11 23.17 -10.15
N ILE A 435 -27.20 22.43 -10.02
CA ILE A 435 -27.85 21.79 -11.15
C ILE A 435 -28.46 22.91 -12.04
N LYS A 436 -29.02 23.90 -11.39
CA LYS A 436 -29.51 25.03 -12.23
C LYS A 436 -28.40 25.64 -13.05
N ARG A 437 -27.27 25.96 -12.45
CA ARG A 437 -26.19 26.55 -13.22
C ARG A 437 -25.69 25.60 -14.31
N LEU A 438 -25.69 24.30 -14.00
CA LEU A 438 -25.28 23.35 -15.07
C LEU A 438 -26.26 23.31 -16.24
N ALA A 439 -27.53 23.41 -15.93
CA ALA A 439 -28.62 23.41 -16.90
C ALA A 439 -28.46 24.63 -17.79
N GLU A 440 -28.15 25.78 -17.19
CA GLU A 440 -27.99 27.03 -18.00
C GLU A 440 -26.70 26.96 -18.82
N THR A 441 -25.67 26.31 -18.28
CA THR A 441 -24.43 26.07 -19.03
C THR A 441 -24.70 25.23 -20.33
N ILE A 442 -25.42 24.11 -20.19
CA ILE A 442 -25.79 23.28 -21.30
C ILE A 442 -26.66 24.02 -22.36
N LYS A 443 -27.69 24.74 -21.91
CA LYS A 443 -28.51 25.62 -22.82
C LYS A 443 -27.63 26.58 -23.62
N GLU A 444 -26.67 27.21 -22.98
CA GLU A 444 -25.75 28.10 -23.69
C GLU A 444 -24.85 27.38 -24.68
N GLU A 445 -24.35 26.22 -24.28
CA GLU A 445 -23.54 25.39 -25.16
C GLU A 445 -24.30 24.98 -26.40
N LEU A 446 -25.57 24.61 -26.25
CA LEU A 446 -26.43 24.19 -27.34
C LEU A 446 -26.66 25.32 -28.37
N LYS A 447 -26.21 26.53 -28.08
CA LYS A 447 -26.43 27.65 -29.03
C LYS A 447 -25.14 28.15 -29.69
N ALA A 448 -25.22 28.39 -31.00
CA ALA A 448 -24.05 28.54 -31.92
C ALA A 448 -22.69 28.12 -31.32
N SER B 45 -7.87 -25.25 -4.14
CA SER B 45 -8.42 -24.30 -5.18
C SER B 45 -9.55 -24.95 -6.00
N MET B 46 -10.73 -24.30 -6.05
CA MET B 46 -11.89 -24.87 -6.83
C MET B 46 -11.86 -24.64 -8.35
N LEU B 47 -11.01 -23.74 -8.81
CA LEU B 47 -10.87 -23.45 -10.25
C LEU B 47 -10.02 -24.46 -11.01
N GLY B 48 -9.52 -25.46 -10.28
CA GLY B 48 -8.54 -26.39 -10.81
C GLY B 48 -7.12 -25.86 -10.80
N ASP B 49 -6.45 -25.96 -11.95
CA ASP B 49 -5.13 -25.38 -12.08
C ASP B 49 -5.31 -23.85 -12.16
N VAL B 50 -5.37 -23.19 -10.99
CA VAL B 50 -5.59 -21.72 -10.97
C VAL B 50 -4.37 -21.01 -11.58
N GLU B 51 -3.24 -21.71 -11.58
CA GLU B 51 -2.05 -21.19 -12.21
C GLU B 51 -2.27 -20.72 -13.67
N ARG B 52 -3.33 -21.19 -14.35
CA ARG B 52 -3.52 -20.90 -15.75
C ARG B 52 -3.82 -19.42 -15.88
N PHE B 53 -4.24 -18.81 -14.77
CA PHE B 53 -4.64 -17.39 -14.83
C PHE B 53 -3.51 -16.46 -14.41
N PHE B 54 -2.46 -17.01 -13.79
CA PHE B 54 -1.47 -16.10 -13.17
C PHE B 54 -0.48 -15.48 -14.14
N SER B 55 -0.04 -14.26 -13.80
CA SER B 55 1.01 -13.61 -14.55
C SER B 55 2.34 -14.35 -14.40
N LYS B 56 3.25 -14.00 -15.30
CA LYS B 56 4.63 -14.59 -15.28
C LYS B 56 5.27 -14.28 -13.93
N LYS B 57 5.12 -13.04 -13.48
CA LYS B 57 5.64 -12.62 -12.16
C LYS B 57 5.03 -13.38 -11.02
N ALA B 58 3.71 -13.61 -11.06
CA ALA B 58 3.07 -14.31 -9.98
C ALA B 58 3.55 -15.75 -9.99
N LEU B 59 3.81 -16.28 -11.16
CA LEU B 59 4.26 -17.67 -11.20
C LEU B 59 5.63 -17.84 -10.53
N GLU B 60 6.44 -16.80 -10.49
CA GLU B 60 7.79 -16.88 -9.89
C GLU B 60 7.84 -16.39 -8.44
N MET B 61 6.69 -15.95 -7.91
CA MET B 61 6.53 -15.65 -6.47
C MET B 61 6.34 -16.90 -5.66
N ARG B 62 7.26 -17.08 -4.72
CA ARG B 62 6.95 -17.79 -3.51
C ARG B 62 7.40 -17.00 -2.30
N ALA B 63 7.31 -17.67 -1.17
CA ALA B 63 8.19 -17.46 -0.04
C ALA B 63 7.50 -18.40 0.93
N SER B 64 8.08 -18.55 2.11
CA SER B 64 9.47 -18.92 2.24
C SER B 64 9.51 -20.14 3.13
N GLU B 65 10.24 -21.14 2.70
CA GLU B 65 10.30 -22.39 3.45
C GLU B 65 10.73 -22.15 4.93
N VAL B 66 11.78 -21.33 5.14
CA VAL B 66 12.21 -20.95 6.51
C VAL B 66 11.27 -19.95 7.25
N ARG B 67 10.80 -18.90 6.57
CA ARG B 67 9.92 -17.92 7.23
C ARG B 67 8.64 -18.59 7.72
N GLU B 68 8.15 -19.57 6.96
CA GLU B 68 7.01 -20.39 7.37
C GLU B 68 7.31 -21.26 8.62
N LEU B 69 8.46 -21.95 8.62
CA LEU B 69 8.95 -22.70 9.79
C LEU B 69 9.09 -21.78 11.05
N LEU B 70 9.63 -20.58 10.84
CA LEU B 70 9.76 -19.58 11.90
C LEU B 70 8.41 -19.03 12.40
N LYS B 71 7.45 -18.92 11.50
CA LYS B 71 6.09 -18.52 11.88
C LYS B 71 5.53 -19.48 12.91
N LEU B 72 5.79 -20.78 12.73
CA LEU B 72 5.35 -21.81 13.68
C LEU B 72 6.19 -21.82 14.98
N VAL B 73 7.50 -21.56 14.88
CA VAL B 73 8.39 -21.48 16.05
C VAL B 73 8.01 -20.42 17.09
N GLU B 74 7.55 -19.25 16.63
CA GLU B 74 7.12 -18.17 17.55
C GLU B 74 6.07 -18.65 18.58
N THR B 75 5.00 -19.30 18.14
CA THR B 75 3.93 -19.72 19.07
C THR B 75 4.23 -20.98 19.96
N SER B 76 5.52 -21.29 20.17
CA SER B 76 5.91 -22.42 21.01
C SER B 76 6.88 -21.96 22.10
N ASP B 77 7.49 -22.93 22.81
CA ASP B 77 8.43 -22.64 23.91
C ASP B 77 9.91 -22.85 23.57
N ILE B 78 10.28 -22.40 22.37
CA ILE B 78 11.66 -22.26 21.95
C ILE B 78 12.00 -20.79 22.30
N ILE B 79 13.25 -20.47 22.54
CA ILE B 79 13.63 -19.06 22.71
C ILE B 79 13.96 -18.61 21.28
N SER B 80 13.16 -17.72 20.69
CA SER B 80 13.48 -17.37 19.32
C SER B 80 14.21 -16.02 19.28
N LEU B 81 15.35 -16.00 18.62
CA LEU B 81 16.12 -14.79 18.34
C LEU B 81 15.91 -14.40 16.87
N ALA B 82 14.88 -14.96 16.23
CA ALA B 82 14.69 -14.81 14.80
C ALA B 82 13.86 -13.61 14.39
N GLY B 83 13.20 -12.97 15.32
CA GLY B 83 12.17 -12.06 14.86
C GLY B 83 12.77 -10.76 14.44
N GLY B 84 11.98 -9.99 13.72
CA GLY B 84 12.32 -8.64 13.34
C GLY B 84 11.42 -7.60 13.97
N LEU B 85 10.79 -7.94 15.10
CA LEU B 85 9.82 -7.04 15.68
C LEU B 85 10.37 -6.13 16.79
N PRO B 86 9.89 -4.89 16.86
CA PRO B 86 10.21 -4.08 18.00
C PRO B 86 9.33 -4.50 19.24
N ASN B 87 9.78 -4.09 20.41
CA ASN B 87 9.14 -4.55 21.68
C ASN B 87 8.02 -3.64 22.07
N PRO B 88 6.81 -4.18 22.22
CA PRO B 88 5.61 -3.36 22.60
C PRO B 88 5.80 -2.53 23.81
N LYS B 89 6.71 -2.93 24.72
CA LYS B 89 7.09 -2.12 25.84
C LYS B 89 7.61 -0.74 25.49
N THR B 90 8.12 -0.59 24.26
CA THR B 90 8.58 0.73 23.82
C THR B 90 7.54 1.56 23.14
N PHE B 91 6.34 1.03 22.95
CA PHE B 91 5.28 1.84 22.30
C PHE B 91 4.83 2.86 23.33
N PRO B 92 4.73 4.14 22.92
CA PRO B 92 4.35 5.22 23.86
C PRO B 92 2.80 5.28 24.01
N LYS B 93 2.24 4.33 24.72
CA LYS B 93 0.80 4.11 24.68
C LYS B 93 0.04 5.25 25.36
N GLU B 94 0.62 5.81 26.40
CA GLU B 94 -0.08 6.91 27.09
C GLU B 94 -0.11 8.13 26.18
N ILE B 95 0.99 8.42 25.49
CA ILE B 95 1.03 9.58 24.56
C ILE B 95 0.08 9.28 23.40
N ILE B 96 0.09 8.02 22.96
CA ILE B 96 -0.88 7.67 21.89
C ILE B 96 -2.33 7.90 22.29
N ARG B 97 -2.67 7.51 23.51
CA ARG B 97 -4.02 7.66 24.00
C ARG B 97 -4.42 9.12 24.00
N ASP B 98 -3.55 9.96 24.54
CA ASP B 98 -3.83 11.41 24.61
C ASP B 98 -4.00 11.93 23.18
N ILE B 99 -3.12 11.52 22.26
CA ILE B 99 -3.24 11.98 20.84
C ILE B 99 -4.59 11.50 20.23
N LEU B 100 -5.01 10.27 20.47
CA LEU B 100 -6.30 9.83 19.90
C LEU B 100 -7.48 10.70 20.42
N VAL B 101 -7.47 11.04 21.71
CA VAL B 101 -8.48 11.95 22.24
C VAL B 101 -8.40 13.28 21.54
N GLU B 102 -7.21 13.85 21.43
CA GLU B 102 -7.08 15.12 20.74
C GLU B 102 -7.59 15.08 19.30
N ILE B 103 -7.31 13.98 18.57
CA ILE B 103 -7.79 13.91 17.21
C ILE B 103 -9.30 13.95 17.08
N MET B 104 -9.99 13.19 17.92
CA MET B 104 -11.45 13.13 17.88
C MET B 104 -12.08 14.44 18.33
N GLU B 105 -11.33 15.19 19.16
CA GLU B 105 -11.78 16.53 19.59
C GLU B 105 -11.58 17.58 18.49
N LYS B 106 -10.42 17.61 17.85
CA LYS B 106 -10.05 18.76 17.01
C LYS B 106 -9.85 18.46 15.55
N TYR B 107 -9.52 17.20 15.21
CA TYR B 107 -9.02 16.91 13.84
C TYR B 107 -9.81 15.77 13.17
N ALA B 108 -11.01 15.46 13.64
CA ALA B 108 -11.69 14.19 13.31
C ALA B 108 -11.98 14.11 11.80
N ASP B 109 -12.51 15.17 11.20
CA ASP B 109 -12.80 15.08 9.77
C ASP B 109 -11.57 14.95 8.89
N LYS B 110 -10.47 15.57 9.26
CA LYS B 110 -9.27 15.44 8.47
C LYS B 110 -8.71 14.00 8.61
N ALA B 111 -8.74 13.48 9.85
CA ALA B 111 -8.19 12.14 10.15
C ALA B 111 -8.98 11.04 9.48
N LEU B 112 -10.23 11.33 9.19
CA LEU B 112 -11.17 10.25 8.79
C LEU B 112 -11.49 10.29 7.32
N GLN B 113 -11.20 11.41 6.63
CA GLN B 113 -11.45 11.52 5.24
C GLN B 113 -10.29 10.98 4.37
N TYR B 114 -10.54 10.70 3.08
CA TYR B 114 -9.43 10.49 2.14
C TYR B 114 -8.39 11.62 2.27
N GLY B 115 -7.13 11.28 2.10
CA GLY B 115 -6.04 12.29 1.99
C GLY B 115 -5.49 12.47 0.55
N THR B 116 -4.60 13.46 0.37
CA THR B 116 -3.88 13.54 -0.92
C THR B 116 -2.87 12.40 -1.06
N THR B 117 -2.53 12.05 -2.29
CA THR B 117 -1.53 10.95 -2.48
C THR B 117 -0.19 11.30 -1.83
N LYS B 118 0.18 12.59 -1.88
CA LYS B 118 1.48 12.99 -1.39
C LYS B 118 1.62 12.86 0.13
N GLY B 119 0.51 12.98 0.86
CA GLY B 119 0.52 12.90 2.31
C GLY B 119 -0.13 14.08 2.99
N PHE B 120 -0.35 13.92 4.25
CA PHE B 120 -1.02 14.96 5.04
C PHE B 120 -0.06 16.15 5.17
N THR B 121 -0.46 17.31 4.64
CA THR B 121 0.52 18.40 4.66
C THR B 121 1.21 18.77 6.02
N PRO B 122 0.48 18.85 7.18
CA PRO B 122 1.16 19.11 8.45
C PRO B 122 2.20 18.06 8.87
N LEU B 123 1.95 16.79 8.62
CA LEU B 123 3.00 15.79 8.78
C LEU B 123 4.20 15.99 7.89
N ARG B 124 4.03 16.26 6.60
CA ARG B 124 5.12 16.49 5.69
C ARG B 124 5.95 17.73 6.14
N GLU B 125 5.27 18.77 6.60
CA GLU B 125 5.99 19.99 7.06
C GLU B 125 6.76 19.68 8.35
N THR B 126 6.11 19.05 9.31
CA THR B 126 6.77 18.77 10.60
C THR B 126 7.94 17.79 10.42
N LEU B 127 7.80 16.82 9.51
CA LEU B 127 8.95 15.93 9.23
C LEU B 127 10.12 16.62 8.59
N MET B 128 9.88 17.45 7.57
CA MET B 128 11.00 18.18 7.02
C MET B 128 11.66 19.14 8.05
N LYS B 129 10.90 19.80 8.93
CA LYS B 129 11.50 20.62 10.02
C LYS B 129 12.37 19.72 10.93
N TRP B 130 11.82 18.58 11.28
CA TRP B 130 12.53 17.63 12.12
C TRP B 130 13.82 17.15 11.49
N LEU B 131 13.74 16.69 10.24
CA LEU B 131 14.94 16.16 9.60
C LEU B 131 15.97 17.28 9.37
N GLY B 132 15.48 18.48 9.13
CA GLY B 132 16.46 19.57 8.89
C GLY B 132 17.22 19.91 10.14
N LYS B 133 16.51 20.16 11.24
CA LYS B 133 17.13 20.47 12.53
C LYS B 133 17.91 19.27 13.09
N ARG B 134 17.35 18.07 13.01
CA ARG B 134 18.01 16.95 13.67
C ARG B 134 19.22 16.45 12.88
N TYR B 135 19.16 16.47 11.55
CA TYR B 135 20.16 15.78 10.74
C TYR B 135 20.88 16.68 9.76
N GLY B 136 20.38 17.92 9.65
CA GLY B 136 20.87 18.82 8.60
C GLY B 136 20.48 18.48 7.19
N ILE B 137 19.34 17.79 6.99
CA ILE B 137 18.87 17.51 5.67
C ILE B 137 18.28 18.76 5.04
N SER B 138 18.63 18.95 3.80
CA SER B 138 18.34 20.19 3.08
C SER B 138 16.86 20.35 2.75
N GLN B 139 16.34 21.56 2.96
CA GLN B 139 14.95 21.85 2.68
C GLN B 139 14.65 22.01 1.19
N ASP B 140 15.67 21.89 0.34
CA ASP B 140 15.50 21.82 -1.14
C ASP B 140 14.78 20.51 -1.57
N ASN B 141 14.77 19.52 -0.69
CA ASN B 141 14.11 18.28 -1.03
C ASN B 141 12.63 18.32 -0.84
N ASP B 142 11.91 17.43 -1.52
CA ASP B 142 10.49 17.29 -1.32
C ASP B 142 10.29 15.99 -0.54
N ILE B 143 9.06 15.79 -0.08
CA ILE B 143 8.77 14.65 0.85
C ILE B 143 7.47 14.03 0.46
N MET B 144 7.38 12.68 0.44
CA MET B 144 6.06 12.09 0.25
C MET B 144 5.89 11.13 1.45
N ILE B 145 4.65 10.95 1.94
CA ILE B 145 4.40 9.99 2.99
C ILE B 145 4.16 8.66 2.32
N THR B 146 4.63 7.56 2.95
CA THR B 146 4.42 6.25 2.38
C THR B 146 3.71 5.33 3.43
N SER B 147 3.20 4.18 2.93
CA SER B 147 2.51 3.19 3.80
C SER B 147 3.56 2.25 4.30
N GLY B 148 4.42 2.85 5.13
CA GLY B 148 5.73 2.22 5.50
C GLY B 148 6.82 2.36 4.50
N SER B 149 8.05 2.23 4.96
CA SER B 149 9.16 2.11 4.04
C SER B 149 9.12 0.92 3.08
N GLN B 150 8.44 -0.15 3.46
CA GLN B 150 8.29 -1.19 2.52
C GLN B 150 7.65 -0.62 1.22
N GLN B 151 6.65 0.24 1.37
CA GLN B 151 5.99 0.74 0.18
C GLN B 151 6.96 1.61 -0.63
N ALA B 152 7.78 2.39 0.08
CA ALA B 152 8.83 3.18 -0.62
C ALA B 152 9.71 2.31 -1.49
N LEU B 153 10.10 1.12 -1.00
CA LEU B 153 10.94 0.28 -1.78
C LEU B 153 10.24 -0.28 -3.04
N ASP B 154 8.96 -0.64 -2.94
CA ASP B 154 8.22 -1.10 -4.07
C ASP B 154 8.11 0.06 -5.08
N LEU B 155 7.84 1.24 -4.55
CA LEU B 155 7.72 2.43 -5.46
C LEU B 155 9.04 2.73 -6.18
N ILE B 156 10.16 2.70 -5.45
CA ILE B 156 11.50 2.73 -6.07
C ILE B 156 11.68 1.75 -7.22
N GLY B 157 11.34 0.47 -7.02
CA GLY B 157 11.44 -0.50 -8.11
C GLY B 157 10.55 -0.05 -9.30
N ARG B 158 9.30 0.34 -9.02
CA ARG B 158 8.37 0.69 -10.10
C ARG B 158 8.86 1.89 -10.88
N VAL B 159 9.42 2.86 -10.14
CA VAL B 159 9.75 4.13 -10.77
C VAL B 159 11.10 4.10 -11.52
N PHE B 160 12.02 3.26 -11.05
CA PHE B 160 13.38 3.25 -11.58
C PHE B 160 13.72 2.03 -12.40
N LEU B 161 13.10 0.87 -12.12
CA LEU B 161 13.70 -0.35 -12.64
C LEU B 161 12.97 -0.97 -13.83
N ASN B 162 13.70 -1.01 -14.95
CA ASN B 162 13.38 -1.83 -16.11
C ASN B 162 13.98 -3.21 -15.86
N PRO B 163 13.50 -4.27 -16.51
CA PRO B 163 14.16 -5.60 -16.32
C PRO B 163 15.56 -5.60 -16.79
N GLY B 164 16.40 -6.26 -15.99
CA GLY B 164 17.84 -6.24 -16.18
C GLY B 164 18.61 -5.01 -15.73
N ASP B 165 17.94 -3.90 -15.24
CA ASP B 165 18.68 -2.76 -14.68
C ASP B 165 19.49 -3.24 -13.46
N ILE B 166 20.65 -2.63 -13.28
CA ILE B 166 21.54 -3.19 -12.22
C ILE B 166 21.28 -2.43 -10.91
N VAL B 167 21.05 -3.18 -9.82
CA VAL B 167 20.89 -2.56 -8.51
C VAL B 167 22.03 -3.13 -7.66
N VAL B 168 22.79 -2.23 -7.03
CA VAL B 168 23.80 -2.63 -6.03
C VAL B 168 23.10 -2.71 -4.70
N VAL B 169 23.43 -3.80 -4.01
CA VAL B 169 23.02 -3.96 -2.63
C VAL B 169 24.25 -4.37 -1.78
N GLU B 170 24.12 -4.22 -0.48
CA GLU B 170 25.12 -4.80 0.47
C GLU B 170 24.94 -6.27 0.55
N ALA B 171 25.97 -6.98 1.00
CA ALA B 171 25.88 -8.43 1.18
C ALA B 171 26.36 -8.60 2.65
N PRO B 172 25.41 -8.80 3.58
CA PRO B 172 23.98 -9.07 3.39
C PRO B 172 23.26 -7.72 3.16
N THR B 173 21.95 -7.85 2.91
CA THR B 173 21.09 -6.67 2.91
C THR B 173 19.71 -7.05 3.47
N TYR B 174 18.83 -6.06 3.57
CA TYR B 174 17.48 -6.26 4.07
C TYR B 174 16.66 -7.18 3.15
N LEU B 175 16.18 -8.29 3.69
CA LEU B 175 15.55 -9.27 2.81
C LEU B 175 14.30 -8.74 2.09
N ALA B 176 13.49 -7.89 2.76
CA ALA B 176 12.26 -7.42 2.11
C ALA B 176 12.57 -6.38 1.03
N ALA B 177 13.75 -5.74 1.04
CA ALA B 177 14.09 -4.88 -0.09
C ALA B 177 14.34 -5.72 -1.31
N LEU B 178 15.07 -6.83 -1.14
CA LEU B 178 15.24 -7.72 -2.25
C LEU B 178 13.85 -8.19 -2.79
N GLN B 179 12.95 -8.47 -1.86
CA GLN B 179 11.62 -9.00 -2.24
C GLN B 179 10.91 -7.93 -3.03
N ALA B 180 10.97 -6.67 -2.59
CA ALA B 180 10.27 -5.57 -3.30
C ALA B 180 10.89 -5.39 -4.68
N PHE B 181 12.21 -5.32 -4.73
CA PHE B 181 12.86 -5.09 -6.04
C PHE B 181 12.71 -6.18 -7.05
N ASN B 182 12.62 -7.43 -6.55
CA ASN B 182 12.60 -8.62 -7.41
C ASN B 182 11.44 -8.67 -8.41
N PHE B 183 10.34 -8.07 -8.02
CA PHE B 183 9.14 -8.01 -8.87
C PHE B 183 9.56 -7.30 -10.21
N TYR B 184 10.55 -6.41 -10.16
CA TYR B 184 10.95 -5.51 -11.33
C TYR B 184 12.15 -6.08 -12.12
N GLU B 185 12.58 -7.27 -11.69
CA GLU B 185 13.58 -8.12 -12.40
C GLU B 185 14.96 -7.43 -12.60
N PRO B 186 15.54 -6.80 -11.53
CA PRO B 186 16.90 -6.20 -11.70
C PRO B 186 17.92 -7.33 -11.73
N GLN B 187 19.12 -6.97 -12.17
CA GLN B 187 20.34 -7.71 -11.89
C GLN B 187 20.96 -7.11 -10.63
N TYR B 188 21.43 -7.96 -9.70
CA TYR B 188 22.11 -7.45 -8.51
C TYR B 188 23.59 -7.55 -8.57
N ILE B 189 24.25 -6.54 -8.04
CA ILE B 189 25.70 -6.59 -7.72
C ILE B 189 25.76 -6.42 -6.21
N GLN B 190 26.47 -7.34 -5.55
CA GLN B 190 26.55 -7.43 -4.10
C GLN B 190 27.88 -6.87 -3.63
N ILE B 191 27.87 -5.98 -2.63
CA ILE B 191 29.11 -5.44 -2.11
C ILE B 191 29.21 -5.87 -0.62
N PRO B 192 30.24 -6.66 -0.30
CA PRO B 192 30.34 -7.07 1.10
C PRO B 192 30.47 -5.94 2.13
N LEU B 193 30.00 -6.21 3.35
CA LEU B 193 30.27 -5.29 4.47
C LEU B 193 31.37 -5.81 5.33
N ASP B 194 31.98 -4.88 6.05
CA ASP B 194 32.88 -5.23 7.21
C ASP B 194 32.35 -4.53 8.42
N ASP B 195 33.16 -4.39 9.49
CA ASP B 195 32.64 -3.72 10.67
C ASP B 195 32.50 -2.20 10.53
N GLU B 196 32.90 -1.66 9.40
CA GLU B 196 32.62 -0.27 9.08
C GLU B 196 31.66 -0.09 7.91
N GLY B 197 30.81 -1.09 7.72
CA GLY B 197 29.70 -1.00 6.71
C GLY B 197 30.15 -1.43 5.32
N MET B 198 29.42 -0.97 4.28
CA MET B 198 29.75 -1.39 2.95
C MET B 198 31.21 -1.14 2.61
N LYS B 199 31.85 -2.11 1.99
CA LYS B 199 33.23 -1.88 1.51
C LYS B 199 33.18 -1.06 0.18
N VAL B 200 33.12 0.25 0.30
CA VAL B 200 32.90 1.12 -0.85
C VAL B 200 34.09 0.98 -1.83
N GLU B 201 35.26 0.62 -1.31
CA GLU B 201 36.39 0.17 -2.15
C GLU B 201 36.04 -0.87 -3.24
N ILE B 202 35.42 -1.96 -2.83
CA ILE B 202 34.96 -3.01 -3.72
C ILE B 202 33.84 -2.49 -4.62
N LEU B 203 32.98 -1.59 -4.14
CA LEU B 203 32.03 -0.95 -5.05
C LEU B 203 32.73 -0.22 -6.23
N GLU B 204 33.78 0.58 -5.95
CA GLU B 204 34.53 1.24 -7.03
C GLU B 204 35.07 0.22 -8.04
N GLU B 205 35.63 -0.90 -7.54
CA GLU B 205 36.16 -1.88 -8.43
C GLU B 205 35.11 -2.47 -9.34
N LYS B 206 33.96 -2.81 -8.76
CA LYS B 206 32.87 -3.38 -9.55
C LYS B 206 32.29 -2.35 -10.56
N LEU B 207 32.25 -1.09 -10.19
CA LEU B 207 31.75 -0.01 -11.11
C LEU B 207 32.71 0.12 -12.31
N LYS B 208 34.02 0.04 -12.05
CA LYS B 208 35.03 0.11 -13.13
C LYS B 208 34.91 -1.08 -14.04
N GLU B 209 34.71 -2.26 -13.44
CA GLU B 209 34.55 -3.51 -14.19
C GLU B 209 33.25 -3.49 -15.01
N LEU B 210 32.16 -2.99 -14.44
CA LEU B 210 30.93 -2.87 -15.23
C LEU B 210 31.11 -1.87 -16.38
N LYS B 211 31.76 -0.75 -16.08
CA LYS B 211 32.08 0.30 -17.10
C LYS B 211 32.81 -0.29 -18.30
N SER B 212 33.72 -1.20 -17.99
CA SER B 212 34.53 -1.84 -19.03
C SER B 212 33.70 -2.83 -19.89
N GLN B 213 32.50 -3.19 -19.40
CA GLN B 213 31.53 -4.06 -20.12
C GLN B 213 30.49 -3.17 -20.82
N GLY B 214 30.67 -1.87 -20.71
CA GLY B 214 29.75 -0.89 -21.27
C GLY B 214 28.46 -0.75 -20.49
N LYS B 215 28.51 -1.13 -19.20
CA LYS B 215 27.29 -1.16 -18.40
C LYS B 215 27.35 -0.14 -17.27
N LYS B 216 26.21 0.16 -16.65
CA LYS B 216 26.26 0.98 -15.47
C LYS B 216 25.21 0.54 -14.45
N VAL B 217 25.42 0.99 -13.23
CA VAL B 217 24.47 0.78 -12.13
C VAL B 217 23.39 1.84 -12.17
N LYS B 218 22.13 1.47 -11.98
CA LYS B 218 21.11 2.53 -11.82
C LYS B 218 20.91 3.00 -10.37
N VAL B 219 20.96 2.07 -9.41
CA VAL B 219 20.56 2.43 -8.02
C VAL B 219 21.53 1.67 -7.08
N VAL B 220 22.04 2.36 -6.09
CA VAL B 220 22.75 1.68 -4.95
C VAL B 220 21.79 1.81 -3.75
N TYR B 221 21.43 0.65 -3.23
CA TYR B 221 20.54 0.60 -2.09
C TYR B 221 21.43 0.28 -0.85
N THR B 222 21.36 1.15 0.14
CA THR B 222 22.16 0.97 1.39
C THR B 222 21.27 1.13 2.61
N VAL B 223 21.58 0.36 3.64
CA VAL B 223 20.97 0.53 4.99
C VAL B 223 22.20 0.78 5.89
N PRO B 224 22.69 2.02 5.90
CA PRO B 224 24.03 2.27 6.35
C PRO B 224 24.14 2.44 7.87
N THR B 225 23.03 2.50 8.62
CA THR B 225 23.18 2.69 10.11
C THR B 225 22.49 1.58 10.86
N PHE B 226 23.29 0.84 11.64
CA PHE B 226 22.70 -0.29 12.45
C PHE B 226 21.96 -1.24 11.48
N GLN B 227 22.66 -1.71 10.46
CA GLN B 227 21.98 -2.48 9.45
C GLN B 227 21.05 -3.61 9.92
N ASN B 228 19.90 -3.71 9.26
CA ASN B 228 19.20 -5.03 9.24
C ASN B 228 19.69 -5.75 8.00
N PRO B 229 20.44 -6.87 8.14
CA PRO B 229 20.58 -7.68 9.37
C PRO B 229 21.92 -7.55 10.07
N ALA B 230 22.86 -6.81 9.48
CA ALA B 230 24.29 -6.95 9.98
C ALA B 230 24.63 -6.27 11.30
N GLY B 231 23.89 -5.23 11.65
CA GLY B 231 24.18 -4.45 12.84
C GLY B 231 25.29 -3.39 12.69
N VAL B 232 25.93 -3.27 11.53
CA VAL B 232 27.08 -2.38 11.39
C VAL B 232 26.66 -1.05 10.75
N THR B 233 27.57 -0.10 10.83
CA THR B 233 27.30 1.23 10.38
C THR B 233 28.43 1.70 9.46
N MET B 234 28.07 2.27 8.31
CA MET B 234 29.00 2.83 7.33
C MET B 234 29.63 4.09 7.94
N ASN B 235 30.96 4.14 7.95
CA ASN B 235 31.63 5.25 8.64
C ASN B 235 31.57 6.51 7.76
N GLU B 236 32.02 7.65 8.28
CA GLU B 236 31.83 8.93 7.56
C GLU B 236 32.64 8.96 6.26
N ASP B 237 33.90 8.48 6.31
CA ASP B 237 34.70 8.42 5.04
C ASP B 237 33.99 7.69 3.90
N ARG B 238 33.40 6.54 4.24
CA ARG B 238 32.73 5.74 3.24
C ARG B 238 31.45 6.37 2.70
N ARG B 239 30.73 7.12 3.52
CA ARG B 239 29.53 7.81 3.07
C ARG B 239 29.92 8.82 2.01
N LYS B 240 31.00 9.51 2.30
CA LYS B 240 31.54 10.54 1.39
C LYS B 240 32.06 9.95 0.10
N TYR B 241 32.73 8.82 0.21
CA TYR B 241 33.27 8.07 -0.94
C TYR B 241 32.11 7.58 -1.78
N LEU B 242 31.05 7.08 -1.13
CA LEU B 242 29.91 6.56 -1.87
C LEU B 242 29.29 7.70 -2.71
N LEU B 243 29.18 8.87 -2.14
CA LEU B 243 28.65 9.98 -2.91
C LEU B 243 29.58 10.44 -4.06
N GLU B 244 30.88 10.43 -3.87
CA GLU B 244 31.74 10.72 -5.07
C GLU B 244 31.47 9.73 -6.17
N LEU B 245 31.37 8.42 -5.84
CA LEU B 245 31.10 7.43 -6.85
C LEU B 245 29.73 7.70 -7.51
N ALA B 246 28.77 8.19 -6.71
CA ALA B 246 27.39 8.41 -7.20
C ALA B 246 27.44 9.55 -8.28
N SER B 247 28.29 10.53 -8.02
CA SER B 247 28.52 11.62 -8.97
C SER B 247 29.35 11.11 -10.18
N GLU B 248 30.47 10.46 -9.90
CA GLU B 248 31.37 9.99 -10.98
C GLU B 248 30.67 9.04 -11.93
N TYR B 249 29.90 8.09 -11.39
CA TYR B 249 29.27 7.02 -12.17
C TYR B 249 27.77 7.30 -12.48
N ASP B 250 27.26 8.45 -12.03
CA ASP B 250 25.86 8.87 -12.22
C ASP B 250 24.76 7.84 -11.83
N PHE B 251 24.73 7.46 -10.55
CA PHE B 251 23.64 6.68 -10.04
C PHE B 251 22.91 7.34 -8.90
N ILE B 252 21.77 6.75 -8.57
CA ILE B 252 20.91 7.17 -7.47
C ILE B 252 21.24 6.34 -6.24
N VAL B 253 21.26 7.00 -5.10
CA VAL B 253 21.49 6.25 -3.79
C VAL B 253 20.15 6.19 -3.04
N VAL B 254 19.77 5.00 -2.56
CA VAL B 254 18.60 4.95 -1.68
C VAL B 254 19.21 4.65 -0.31
N GLU B 255 18.93 5.56 0.60
CA GLU B 255 19.38 5.45 2.00
C GLU B 255 18.18 5.06 2.89
N ASP B 256 18.18 3.80 3.35
CA ASP B 256 17.02 3.33 4.12
C ASP B 256 17.43 3.37 5.59
N ASP B 257 16.74 4.19 6.40
CA ASP B 257 17.19 4.48 7.79
C ASP B 257 16.11 4.33 8.87
N PRO B 258 15.74 3.08 9.20
CA PRO B 258 14.66 2.90 10.19
C PRO B 258 15.19 3.07 11.60
N TYR B 259 16.51 2.90 11.79
CA TYR B 259 17.08 2.67 13.13
C TYR B 259 17.94 3.76 13.68
N GLY B 260 18.13 4.90 12.95
CA GLY B 260 19.10 5.93 13.41
C GLY B 260 18.91 6.42 14.84
N GLU B 261 17.68 6.44 15.33
CA GLU B 261 17.45 7.06 16.62
C GLU B 261 17.58 6.03 17.68
N LEU B 262 17.70 4.80 17.28
CA LEU B 262 17.91 3.70 18.29
C LEU B 262 19.40 3.52 18.53
N ARG B 263 20.06 4.61 18.85
CA ARG B 263 21.49 4.59 19.15
C ARG B 263 21.73 4.38 20.68
N TYR B 264 22.49 3.35 21.06
CA TYR B 264 22.76 3.09 22.49
C TYR B 264 24.10 3.57 22.97
N SER B 265 25.05 3.65 22.04
CA SER B 265 26.40 4.13 22.38
C SER B 265 27.03 4.79 21.20
N GLY B 266 28.12 5.53 21.41
CA GLY B 266 28.79 6.24 20.34
C GLY B 266 28.04 7.50 19.99
N ASN B 267 28.54 8.17 18.95
CA ASN B 267 28.04 9.49 18.54
C ASN B 267 27.23 9.35 17.24
N PRO B 268 26.26 10.26 16.99
CA PRO B 268 25.47 10.08 15.77
C PRO B 268 26.33 10.25 14.52
N GLU B 269 26.06 9.41 13.54
CA GLU B 269 26.60 9.50 12.21
C GLU B 269 25.92 10.64 11.50
N LYS B 270 26.57 11.11 10.43
CA LYS B 270 25.92 11.98 9.38
C LYS B 270 25.10 11.14 8.43
N LYS B 271 23.84 11.50 8.26
CA LYS B 271 23.05 10.83 7.21
C LYS B 271 23.73 11.04 5.86
N ILE B 272 23.76 10.01 5.03
CA ILE B 272 24.26 10.15 3.66
C ILE B 272 23.47 11.33 3.04
N LYS B 273 22.15 11.40 3.31
CA LYS B 273 21.30 12.43 2.70
C LYS B 273 21.71 13.85 3.16
N ALA B 274 22.28 13.95 4.35
CA ALA B 274 22.81 15.26 4.84
C ALA B 274 24.05 15.66 4.09
N LEU B 275 24.73 14.72 3.45
CA LEU B 275 25.97 15.06 2.71
C LEU B 275 25.67 15.23 1.23
N ASP B 276 24.39 15.05 0.86
CA ASP B 276 23.96 14.96 -0.54
C ASP B 276 23.79 16.31 -1.24
N ASN B 277 24.89 16.90 -1.67
CA ASN B 277 24.73 18.18 -2.40
C ASN B 277 24.16 18.14 -3.83
N GLU B 278 24.15 16.97 -4.49
CA GLU B 278 23.63 16.81 -5.87
C GLU B 278 22.18 16.36 -5.96
N GLY B 279 21.54 16.06 -4.83
CA GLY B 279 20.14 15.62 -4.85
C GLY B 279 20.02 14.20 -5.37
N ARG B 280 21.07 13.44 -5.13
CA ARG B 280 21.24 12.09 -5.64
C ARG B 280 20.73 11.01 -4.68
N VAL B 281 20.43 11.40 -3.46
CA VAL B 281 20.01 10.39 -2.44
C VAL B 281 18.49 10.48 -2.22
N ILE B 282 17.81 9.32 -2.16
CA ILE B 282 16.41 9.28 -1.75
C ILE B 282 16.46 8.74 -0.34
N TYR B 283 16.01 9.53 0.64
CA TYR B 283 16.15 9.12 2.06
C TYR B 283 14.81 8.52 2.52
N LEU B 284 14.83 7.33 3.18
CA LEU B 284 13.58 6.74 3.62
C LEU B 284 13.57 6.64 5.13
N GLY B 285 12.57 7.18 5.77
CA GLY B 285 12.46 6.91 7.23
C GLY B 285 11.14 6.28 7.51
N THR B 286 10.96 5.83 8.76
CA THR B 286 9.70 5.22 9.10
C THR B 286 9.40 5.46 10.60
N PHE B 287 8.10 5.44 10.94
CA PHE B 287 7.69 5.53 12.33
C PHE B 287 7.72 4.13 12.99
N SER B 288 8.04 3.10 12.25
CA SER B 288 7.87 1.68 12.78
C SER B 288 8.59 1.37 14.05
N LYS B 289 9.83 1.84 14.23
CA LYS B 289 10.57 1.50 15.50
C LYS B 289 10.66 2.69 16.44
N ILE B 290 10.26 3.90 16.00
CA ILE B 290 10.29 5.04 16.90
C ILE B 290 8.92 5.47 17.44
N LEU B 291 7.86 4.88 16.94
CA LEU B 291 6.48 5.10 17.43
C LEU B 291 5.92 3.73 17.65
N ALA B 292 5.44 3.09 16.57
CA ALA B 292 4.92 1.70 16.61
C ALA B 292 4.68 1.31 15.16
N PRO B 293 4.85 0.04 14.82
CA PRO B 293 4.70 -0.27 13.38
C PRO B 293 3.23 -0.23 12.94
N GLY B 294 2.27 -0.27 13.88
CA GLY B 294 0.84 -0.54 13.54
C GLY B 294 0.14 0.56 12.71
N PHE B 295 0.74 1.74 12.71
CA PHE B 295 0.16 2.82 11.86
C PHE B 295 0.55 2.74 10.39
N ARG B 296 1.62 2.02 10.05
CA ARG B 296 2.16 1.86 8.69
C ARG B 296 2.33 3.24 8.03
N ILE B 297 3.20 4.06 8.63
CA ILE B 297 3.47 5.40 8.09
C ILE B 297 5.00 5.51 7.96
N GLY B 298 5.48 5.91 6.77
CA GLY B 298 6.94 6.16 6.58
C GLY B 298 7.02 7.41 5.68
N TRP B 299 8.25 7.79 5.30
CA TRP B 299 8.39 9.00 4.42
C TRP B 299 9.58 8.79 3.49
N MET B 300 9.56 9.49 2.36
CA MET B 300 10.57 9.37 1.37
C MET B 300 10.92 10.82 1.07
N VAL B 301 12.22 11.15 1.10
CA VAL B 301 12.66 12.53 0.91
C VAL B 301 13.69 12.53 -0.23
N GLY B 302 13.53 13.45 -1.20
CA GLY B 302 14.56 13.48 -2.21
C GLY B 302 14.18 14.58 -3.21
N ASP B 303 14.86 14.52 -4.33
CA ASP B 303 14.67 15.48 -5.47
C ASP B 303 13.20 15.62 -5.82
N PRO B 304 12.70 16.87 -5.96
CA PRO B 304 11.29 17.05 -6.34
C PRO B 304 10.85 16.37 -7.61
N GLY B 305 11.71 16.24 -8.64
CA GLY B 305 11.33 15.53 -9.85
C GLY B 305 11.08 14.05 -9.63
N ILE B 306 11.93 13.48 -8.80
CA ILE B 306 11.76 12.08 -8.38
C ILE B 306 10.49 11.87 -7.53
N ILE B 307 10.30 12.75 -6.55
CA ILE B 307 9.12 12.67 -5.71
C ILE B 307 7.83 12.82 -6.51
N ARG B 308 7.80 13.79 -7.44
CA ARG B 308 6.61 13.88 -8.24
C ARG B 308 6.25 12.58 -8.96
N LYS B 309 7.22 11.89 -9.57
CA LYS B 309 6.95 10.61 -10.23
C LYS B 309 6.52 9.55 -9.23
N MET B 310 7.17 9.54 -8.08
CA MET B 310 6.75 8.62 -7.01
C MET B 310 5.29 8.86 -6.62
N GLU B 311 4.86 10.11 -6.53
CA GLU B 311 3.49 10.39 -6.13
C GLU B 311 2.54 9.78 -7.17
N ILE B 312 2.87 9.94 -8.46
CA ILE B 312 1.98 9.43 -9.50
C ILE B 312 1.89 7.89 -9.48
N ALA B 313 3.01 7.25 -9.20
CA ALA B 313 3.05 5.79 -9.13
C ALA B 313 2.22 5.30 -7.94
N LYS B 314 2.33 6.03 -6.83
CA LYS B 314 1.63 5.64 -5.60
C LYS B 314 0.12 5.79 -5.74
N GLN B 315 -0.33 6.85 -6.45
CA GLN B 315 -1.77 7.09 -6.61
C GLN B 315 -2.58 5.80 -6.96
N SER B 316 -2.03 5.02 -7.87
CA SER B 316 -2.64 3.78 -8.41
C SER B 316 -2.48 2.60 -7.54
N THR B 317 -1.46 2.59 -6.68
CA THR B 317 -1.28 1.41 -5.78
C THR B 317 -2.18 1.47 -4.52
N ASP B 318 -2.48 2.65 -3.92
CA ASP B 318 -3.31 2.68 -2.70
C ASP B 318 -4.04 3.94 -2.41
N LEU B 319 -4.06 4.83 -3.42
CA LEU B 319 -4.72 6.16 -3.32
C LEU B 319 -3.99 7.12 -2.33
N CYS B 320 -3.96 6.76 -1.03
CA CYS B 320 -3.22 7.58 -0.07
C CYS B 320 -2.89 6.63 1.08
N THR B 321 -1.86 6.98 1.83
CA THR B 321 -1.53 6.27 3.08
C THR B 321 -2.55 6.64 4.13
N ASN B 322 -2.87 5.72 4.99
CA ASN B 322 -3.97 6.02 5.90
C ASN B 322 -3.87 7.30 6.71
N VAL B 323 -4.90 8.11 6.60
CA VAL B 323 -4.71 9.48 6.98
C VAL B 323 -4.85 9.56 8.48
N PHE B 324 -5.63 8.64 9.04
CA PHE B 324 -5.82 8.67 10.49
C PHE B 324 -4.45 8.52 11.17
N GLY B 325 -3.67 7.51 10.73
CA GLY B 325 -2.31 7.36 11.23
C GLY B 325 -1.36 8.51 10.93
N GLN B 326 -1.59 9.24 9.81
CA GLN B 326 -0.74 10.36 9.54
C GLN B 326 -0.99 11.46 10.51
N VAL B 327 -2.25 11.61 10.90
CA VAL B 327 -2.60 12.69 11.85
C VAL B 327 -2.03 12.30 13.23
N VAL B 328 -2.07 11.02 13.58
CA VAL B 328 -1.45 10.58 14.81
C VAL B 328 0.05 10.89 14.80
N ALA B 329 0.75 10.56 13.71
CA ALA B 329 2.17 10.80 13.64
C ALA B 329 2.51 12.29 13.62
N TRP B 330 1.65 13.09 12.98
CA TRP B 330 1.86 14.51 12.99
C TRP B 330 1.86 15.04 14.44
N ARG B 331 0.81 14.75 15.20
CA ARG B 331 0.76 15.20 16.64
C ARG B 331 1.98 14.68 17.40
N TYR B 332 2.33 13.40 17.17
CA TYR B 332 3.51 12.82 17.82
C TYR B 332 4.80 13.60 17.60
N VAL B 333 5.07 13.97 16.35
CA VAL B 333 6.27 14.72 16.05
C VAL B 333 6.10 16.21 16.48
N ASP B 334 5.03 16.85 15.98
CA ASP B 334 4.82 18.28 16.20
C ASP B 334 4.65 18.65 17.67
N GLY B 335 4.09 17.72 18.44
CA GLY B 335 3.88 17.96 19.86
C GLY B 335 5.09 17.73 20.75
N GLY B 336 6.21 17.36 20.15
CA GLY B 336 7.48 17.13 20.88
C GLY B 336 7.58 15.77 21.53
N TYR B 337 6.63 14.87 21.29
CA TYR B 337 6.61 13.56 21.97
C TYR B 337 7.65 12.61 21.46
N LEU B 338 7.91 12.65 20.19
CA LEU B 338 8.95 11.79 19.58
C LEU B 338 10.28 12.11 20.21
N GLU B 339 10.60 13.42 20.22
CA GLU B 339 11.84 13.86 20.83
C GLU B 339 12.01 13.39 22.29
N LYS B 340 10.94 13.45 23.05
CA LYS B 340 10.96 13.06 24.45
C LYS B 340 10.99 11.54 24.59
N HIS B 341 10.37 10.83 23.62
CA HIS B 341 10.28 9.37 23.74
C HIS B 341 11.52 8.61 23.31
N ILE B 342 12.28 9.16 22.37
CA ILE B 342 13.50 8.45 21.87
C ILE B 342 14.45 7.98 22.99
N PRO B 343 14.72 8.89 23.98
CA PRO B 343 15.60 8.43 25.09
C PRO B 343 15.04 7.23 25.86
N GLU B 344 13.73 7.08 25.90
CA GLU B 344 13.13 5.98 26.61
C GLU B 344 13.25 4.69 25.82
N ILE B 345 13.17 4.79 24.48
CA ILE B 345 13.45 3.60 23.67
C ILE B 345 14.91 3.15 23.86
N ARG B 346 15.85 4.08 23.82
CA ARG B 346 17.30 3.73 23.95
C ARG B 346 17.57 3.07 25.29
N LYS B 347 17.01 3.64 26.37
CA LYS B 347 17.17 3.04 27.73
C LYS B 347 16.67 1.60 27.82
N PHE B 348 15.58 1.32 27.13
CA PHE B 348 14.99 0.00 27.08
C PHE B 348 15.84 -1.07 26.35
N TYR B 349 16.29 -0.75 25.12
CA TYR B 349 17.06 -1.73 24.32
C TYR B 349 18.53 -1.88 24.70
N LYS B 350 19.17 -0.84 25.25
CA LYS B 350 20.59 -0.86 25.52
C LYS B 350 20.97 -2.08 26.36
N PRO B 351 20.26 -2.30 27.48
CA PRO B 351 20.68 -3.48 28.28
C PRO B 351 20.44 -4.80 27.59
N ARG B 352 19.52 -4.83 26.63
CA ARG B 352 19.26 -6.06 25.92
C ARG B 352 20.37 -6.32 24.94
N ARG B 353 20.81 -5.25 24.27
CA ARG B 353 21.97 -5.42 23.40
C ARG B 353 23.17 -5.90 24.24
N ASP B 354 23.39 -5.26 25.38
CA ASP B 354 24.55 -5.55 26.21
C ASP B 354 24.50 -6.98 26.69
N ALA B 355 23.32 -7.44 27.10
CA ALA B 355 23.20 -8.83 27.64
C ALA B 355 23.56 -9.81 26.56
N MET B 356 23.00 -9.58 25.37
CA MET B 356 23.37 -10.50 24.28
C MET B 356 24.88 -10.51 23.95
N LEU B 357 25.52 -9.35 23.92
CA LEU B 357 26.96 -9.20 23.59
C LEU B 357 27.78 -9.86 24.70
N GLU B 358 27.28 -9.72 25.92
CA GLU B 358 28.00 -10.36 27.08
C GLU B 358 27.91 -11.86 26.98
N ALA B 359 26.73 -12.37 26.62
CA ALA B 359 26.50 -13.82 26.54
C ALA B 359 27.30 -14.45 25.37
N LEU B 360 27.28 -13.78 24.20
CA LEU B 360 28.04 -14.32 23.09
C LEU B 360 29.51 -14.46 23.49
N GLU B 361 30.08 -13.43 24.06
CA GLU B 361 31.50 -13.44 24.42
C GLU B 361 31.76 -14.54 25.46
N GLU B 362 30.89 -14.66 26.43
CA GLU B 362 31.17 -15.68 27.48
C GLU B 362 30.97 -17.08 26.95
N PHE B 363 29.98 -17.30 26.09
CA PHE B 363 29.61 -18.67 25.73
C PHE B 363 30.11 -19.22 24.39
N MET B 364 30.33 -18.34 23.40
CA MET B 364 30.61 -18.82 22.03
C MET B 364 31.99 -19.48 21.98
N PRO B 365 32.12 -20.63 21.30
CA PRO B 365 33.45 -21.27 21.09
C PRO B 365 34.38 -20.48 20.15
N GLU B 366 35.67 -20.78 20.20
CA GLU B 366 36.66 -20.16 19.30
C GLU B 366 36.19 -20.22 17.84
N GLY B 367 36.42 -19.12 17.13
CA GLY B 367 36.22 -19.09 15.71
C GLY B 367 34.86 -18.53 15.34
N VAL B 368 33.99 -18.29 16.34
CA VAL B 368 32.70 -17.62 16.06
C VAL B 368 32.95 -16.14 16.22
N LYS B 369 32.36 -15.34 15.30
CA LYS B 369 32.58 -13.91 15.27
C LYS B 369 31.19 -13.26 15.22
N TRP B 370 31.09 -12.06 15.70
CA TRP B 370 29.78 -11.37 15.58
C TRP B 370 30.03 -9.93 15.54
N THR B 371 29.03 -9.24 14.97
CA THR B 371 29.10 -7.82 15.02
C THR B 371 28.77 -7.20 16.38
N LYS B 372 29.19 -5.93 16.55
CA LYS B 372 29.05 -5.21 17.79
C LYS B 372 28.37 -3.89 17.49
N PRO B 373 27.01 -3.93 17.32
CA PRO B 373 26.29 -2.75 16.86
C PRO B 373 26.27 -1.68 17.93
N GLU B 374 26.24 -0.42 17.52
CA GLU B 374 26.09 0.68 18.44
C GLU B 374 24.62 1.04 18.60
N GLY B 375 23.74 0.22 17.97
CA GLY B 375 22.37 0.58 17.91
C GLY B 375 21.53 -0.47 17.18
N GLY B 376 20.25 -0.19 17.08
CA GLY B 376 19.28 -0.97 16.28
C GLY B 376 18.84 -2.24 16.95
N MET B 377 18.65 -3.32 16.21
CA MET B 377 17.84 -4.42 16.81
C MET B 377 18.55 -5.76 16.66
N PHE B 378 19.65 -5.77 15.91
CA PHE B 378 20.27 -7.02 15.46
C PHE B 378 21.76 -7.14 15.72
N ILE B 379 22.18 -8.40 15.90
CA ILE B 379 23.58 -8.81 15.99
C ILE B 379 23.75 -9.97 14.97
N TRP B 380 24.83 -9.90 14.21
CA TRP B 380 25.04 -10.74 13.05
C TRP B 380 26.24 -11.63 13.35
N VAL B 381 26.01 -12.93 13.31
CA VAL B 381 27.06 -13.89 13.72
C VAL B 381 27.65 -14.63 12.49
N THR B 382 28.98 -14.81 12.47
CA THR B 382 29.64 -15.53 11.38
C THR B 382 30.25 -16.77 12.00
N LEU B 383 29.91 -17.92 11.45
CA LEU B 383 30.39 -19.22 11.98
C LEU B 383 31.67 -19.70 11.30
N PRO B 384 32.49 -20.51 12.02
CA PRO B 384 33.74 -20.95 11.44
C PRO B 384 33.59 -22.29 10.69
N ASP B 385 34.72 -22.69 10.06
CA ASP B 385 34.92 -24.01 9.46
C ASP B 385 33.78 -24.43 8.56
N GLY B 386 33.25 -23.50 7.76
CA GLY B 386 32.20 -23.82 6.82
C GLY B 386 30.88 -24.42 7.28
N ILE B 387 30.49 -24.30 8.55
CA ILE B 387 29.14 -24.66 8.99
C ILE B 387 28.08 -23.96 8.14
N ASP B 388 27.02 -24.67 7.81
CA ASP B 388 25.91 -24.14 7.09
C ASP B 388 24.82 -23.83 8.09
N SER B 389 24.51 -22.53 8.30
CA SER B 389 23.52 -22.24 9.36
C SER B 389 22.06 -22.60 9.06
N LYS B 390 21.74 -22.79 7.79
CA LYS B 390 20.38 -23.14 7.42
C LYS B 390 20.25 -24.64 7.82
N LYS B 391 21.22 -25.44 7.43
CA LYS B 391 21.28 -26.83 7.93
C LYS B 391 21.29 -26.93 9.45
N MET B 392 22.08 -26.10 10.14
CA MET B 392 22.15 -26.09 11.63
C MET B 392 20.86 -25.71 12.35
N LEU B 393 19.98 -24.97 11.69
CA LEU B 393 18.77 -24.49 12.37
C LEU B 393 17.90 -25.60 12.97
N GLU B 394 17.95 -26.79 12.35
CA GLU B 394 17.16 -27.95 12.77
C GLU B 394 17.67 -28.36 14.14
N ARG B 395 19.00 -28.39 14.28
CA ARG B 395 19.65 -28.82 15.51
C ARG B 395 19.43 -27.78 16.61
N ALA B 396 19.51 -26.48 16.24
CA ALA B 396 19.34 -25.41 17.21
C ALA B 396 17.92 -25.48 17.76
N ILE B 397 16.95 -25.71 16.88
CA ILE B 397 15.53 -25.74 17.28
C ILE B 397 15.29 -26.90 18.24
N LYS B 398 15.92 -28.02 17.97
CA LYS B 398 15.88 -29.18 18.90
C LYS B 398 16.47 -28.82 20.27
N LYS B 399 17.41 -27.88 20.30
CA LYS B 399 18.01 -27.50 21.58
C LYS B 399 17.37 -26.28 22.24
N GLY B 400 16.23 -25.83 21.68
CA GLY B 400 15.45 -24.76 22.25
C GLY B 400 15.76 -23.33 21.77
N VAL B 401 16.38 -23.17 20.58
CA VAL B 401 16.67 -21.78 20.12
C VAL B 401 16.48 -21.63 18.63
N ALA B 402 16.03 -20.42 18.21
CA ALA B 402 15.90 -20.18 16.78
C ALA B 402 16.60 -18.82 16.44
N TYR B 403 16.98 -18.70 15.16
CA TYR B 403 17.62 -17.49 14.60
C TYR B 403 17.23 -17.48 13.11
N VAL B 404 17.48 -16.38 12.39
CA VAL B 404 17.27 -16.47 10.93
C VAL B 404 18.56 -16.84 10.24
N PRO B 405 18.55 -17.91 9.40
CA PRO B 405 19.78 -18.25 8.68
C PRO B 405 20.10 -17.07 7.71
N GLY B 406 21.36 -16.72 7.65
CA GLY B 406 21.86 -15.55 6.90
C GLY B 406 21.65 -15.64 5.39
N GLU B 407 21.54 -16.89 4.86
CA GLU B 407 21.47 -17.05 3.35
C GLU B 407 20.42 -16.14 2.68
N ALA B 408 19.25 -15.99 3.30
CA ALA B 408 18.16 -15.31 2.67
C ALA B 408 18.42 -13.81 2.55
N PHE B 409 19.42 -13.34 3.28
CA PHE B 409 19.76 -11.91 3.20
C PHE B 409 20.77 -11.60 2.06
N TYR B 410 21.13 -12.58 1.23
CA TYR B 410 22.17 -12.33 0.21
C TYR B 410 21.45 -12.39 -1.17
N ALA B 411 21.61 -11.37 -2.03
CA ALA B 411 20.91 -11.34 -3.32
C ALA B 411 21.18 -12.65 -4.05
N HIS B 412 22.42 -13.14 -3.96
CA HIS B 412 22.78 -14.37 -4.69
C HIS B 412 22.73 -15.60 -3.78
N ARG B 413 22.07 -15.48 -2.60
CA ARG B 413 21.99 -16.61 -1.65
C ARG B 413 23.28 -17.44 -1.67
N ASP B 414 24.42 -16.76 -1.64
CA ASP B 414 25.68 -17.47 -1.81
C ASP B 414 26.57 -17.72 -0.56
N VAL B 415 26.20 -17.15 0.58
CA VAL B 415 26.99 -17.25 1.81
C VAL B 415 26.12 -17.99 2.82
N LYS B 416 26.68 -19.01 3.46
CA LYS B 416 25.87 -19.96 4.22
C LYS B 416 26.24 -20.10 5.73
N ASN B 417 27.32 -19.47 6.17
CA ASN B 417 27.78 -19.56 7.57
C ASN B 417 27.38 -18.35 8.48
N THR B 418 26.32 -17.65 8.13
CA THR B 418 25.92 -16.43 8.89
C THR B 418 24.51 -16.55 9.51
N MET B 419 24.22 -15.75 10.56
CA MET B 419 22.91 -15.82 11.23
C MET B 419 22.54 -14.43 11.69
N ARG B 420 21.27 -14.11 11.66
CA ARG B 420 20.82 -12.84 12.29
C ARG B 420 20.13 -13.15 13.62
N LEU B 421 20.56 -12.43 14.65
CA LEU B 421 19.98 -12.55 16.02
C LEU B 421 19.29 -11.26 16.33
N ASN B 422 18.13 -11.35 16.98
CA ASN B 422 17.45 -10.14 17.45
C ASN B 422 17.44 -10.04 19.00
N PHE B 423 17.71 -8.86 19.54
CA PHE B 423 17.77 -8.72 21.01
C PHE B 423 16.60 -7.87 21.54
N THR B 424 15.76 -7.31 20.66
CA THR B 424 14.68 -6.44 21.13
C THR B 424 13.41 -7.09 21.68
N TYR B 425 13.14 -8.30 21.24
CA TYR B 425 11.82 -8.96 21.46
C TYR B 425 11.92 -10.33 22.10
N VAL B 426 12.73 -10.47 23.11
CA VAL B 426 12.63 -11.67 23.87
C VAL B 426 13.01 -11.13 25.20
N ASP B 427 12.49 -11.72 26.26
CA ASP B 427 12.92 -11.26 27.60
C ASP B 427 14.43 -11.38 27.80
N GLU B 428 15.05 -10.44 28.54
CA GLU B 428 16.51 -10.48 28.84
C GLU B 428 16.96 -11.80 29.44
N ASP B 429 16.20 -12.31 30.39
CA ASP B 429 16.56 -13.60 30.99
C ASP B 429 16.72 -14.67 29.86
N LYS B 430 15.84 -14.58 28.87
CA LYS B 430 15.85 -15.54 27.80
C LYS B 430 16.99 -15.24 26.81
N ILE B 431 17.49 -14.01 26.74
CA ILE B 431 18.67 -13.73 25.87
C ILE B 431 19.86 -14.57 26.33
N MET B 432 20.14 -14.54 27.63
CA MET B 432 21.31 -15.35 28.12
C MET B 432 21.13 -16.83 27.83
N GLU B 433 19.97 -17.35 28.17
CA GLU B 433 19.75 -18.76 27.98
C GLU B 433 19.77 -19.12 26.49
N GLY B 434 19.14 -18.26 25.66
CA GLY B 434 19.14 -18.51 24.22
C GLY B 434 20.51 -18.55 23.62
N ILE B 435 21.37 -17.60 24.00
CA ILE B 435 22.74 -17.54 23.48
C ILE B 435 23.53 -18.77 23.96
N LYS B 436 23.31 -19.16 25.20
CA LYS B 436 23.96 -20.43 25.64
C LYS B 436 23.51 -21.60 24.83
N ARG B 437 22.22 -21.74 24.58
CA ARG B 437 21.80 -22.87 23.80
C ARG B 437 22.36 -22.78 22.36
N LEU B 438 22.48 -21.55 21.85
CA LEU B 438 23.03 -21.42 20.49
C LEU B 438 24.51 -21.81 20.45
N ALA B 439 25.24 -21.40 21.47
CA ALA B 439 26.65 -21.75 21.64
C ALA B 439 26.81 -23.28 21.71
N GLU B 440 25.94 -23.95 22.46
CA GLU B 440 26.08 -25.44 22.60
C GLU B 440 25.68 -26.15 21.28
N THR B 441 24.72 -25.57 20.55
CA THR B 441 24.35 -26.02 19.22
C THR B 441 25.57 -25.98 18.25
N ILE B 442 26.27 -24.84 18.19
CA ILE B 442 27.43 -24.66 17.40
C ILE B 442 28.56 -25.61 17.79
N LYS B 443 28.78 -25.82 19.09
CA LYS B 443 29.78 -26.81 19.58
C LYS B 443 29.49 -28.22 19.08
N GLU B 444 28.24 -28.62 19.13
CA GLU B 444 27.88 -29.93 18.63
C GLU B 444 27.99 -30.04 17.14
N GLU B 445 27.64 -28.95 16.47
CA GLU B 445 27.72 -28.92 15.02
C GLU B 445 29.17 -29.05 14.56
N LEU B 446 30.10 -28.40 15.26
CA LEU B 446 31.51 -28.46 14.96
C LEU B 446 32.11 -29.88 15.10
N LYS B 447 31.36 -30.82 15.67
CA LYS B 447 31.93 -32.17 15.89
C LYS B 447 31.22 -33.28 15.11
N ALA B 448 32.00 -34.29 14.73
CA ALA B 448 31.60 -35.41 13.83
C ALA B 448 30.59 -35.07 12.72
#